data_2YMB
#
_entry.id   2YMB
#
_cell.length_a   222.046
_cell.length_b   222.046
_cell.length_c   222.046
_cell.angle_alpha   90.00
_cell.angle_beta   90.00
_cell.angle_gamma   90.00
#
_symmetry.space_group_name_H-M   'I 2 3'
#
loop_
_entity.id
_entity.type
_entity.pdbx_description
1 polymer 'MIT DOMAIN-CONTAINING PROTEIN 1'
2 polymer 'CHARGED MULTIVESICULAR BODY PROTEIN 1A'
#
loop_
_entity_poly.entity_id
_entity_poly.type
_entity_poly.pdbx_seq_one_letter_code
_entity_poly.pdbx_strand_id
1 'polypeptide(L)'
;MAHHHHHHMAKSGLRQDPQSTAAATVLKRAVELDSESRYPQALVCYQEGIDLLLQVLKGTKDNTKRCNLREKISKYMDRA
ENIKKYLDQEKEDGKYHKQIKIEENATGFSYESLFREYLNETVTEVWIEDPYIRHTHQLYNFLRFCEMLIKRPCKVKTIH
LLTSLDEGIEQVQQSRGLQEIEESLRSHGVLLEVQYSSSIHDREIRFNNGWMIKIGRGLDYFKKPQSRFSLGYCDFDLRP
CHETTVDIFHKKHTKNI
;
A,B,C,D
2 'polypeptide(L)' MEDQLSRRLAALRN F,H
#
# COMPACT_ATOMS: atom_id res chain seq x y z
N HIS A 97 33.65 7.16 42.38
CA HIS A 97 33.34 8.56 42.08
C HIS A 97 34.33 9.13 41.07
N LYS A 98 34.21 8.70 39.82
CA LYS A 98 35.05 9.21 38.75
C LYS A 98 34.24 10.08 37.79
N GLN A 99 34.82 11.18 37.36
CA GLN A 99 34.14 12.12 36.46
C GLN A 99 34.60 11.94 35.02
N ILE A 100 33.66 12.09 34.08
CA ILE A 100 33.97 11.99 32.66
C ILE A 100 33.71 13.31 31.96
N LYS A 101 34.74 13.86 31.31
CA LYS A 101 34.63 15.15 30.65
C LYS A 101 34.47 14.99 29.14
N ILE A 102 33.23 15.01 28.67
CA ILE A 102 32.95 14.92 27.24
C ILE A 102 33.25 16.25 26.56
N GLU A 103 34.27 16.26 25.72
CA GLU A 103 34.70 17.49 25.06
C GLU A 103 33.78 17.87 23.90
N GLU A 104 33.95 19.11 23.42
CA GLU A 104 33.17 19.61 22.29
C GLU A 104 33.43 18.78 21.04
N ASN A 105 32.37 18.49 20.30
CA ASN A 105 32.44 17.68 19.09
C ASN A 105 33.05 16.30 19.31
N ALA A 106 32.70 15.67 20.42
CA ALA A 106 33.19 14.32 20.73
C ALA A 106 32.33 13.26 20.03
N THR A 107 32.87 12.05 19.92
CA THR A 107 32.15 10.95 19.29
C THR A 107 32.25 9.68 20.12
N GLY A 108 31.36 8.73 19.84
CA GLY A 108 31.36 7.46 20.54
C GLY A 108 30.72 7.55 21.91
N PHE A 109 29.68 8.38 22.02
CA PHE A 109 29.06 8.62 23.31
C PHE A 109 27.54 8.42 23.31
N SER A 110 27.08 7.36 22.64
CA SER A 110 25.67 7.00 22.70
C SER A 110 25.39 6.41 24.08
N TYR A 111 24.11 6.33 24.43
CA TYR A 111 23.71 5.79 25.73
C TYR A 111 24.07 4.32 25.81
N GLU A 112 24.13 3.68 24.65
CA GLU A 112 24.55 2.28 24.55
C GLU A 112 26.01 2.14 24.95
N SER A 113 26.79 3.19 24.65
CA SER A 113 28.22 3.19 24.95
C SER A 113 28.51 3.74 26.33
N LEU A 114 27.71 4.72 26.74
CA LEU A 114 27.96 5.44 27.99
C LEU A 114 27.61 4.61 29.22
N PHE A 115 26.47 3.93 29.18
CA PHE A 115 25.99 3.17 30.33
C PHE A 115 26.20 1.66 30.15
N ARG A 116 27.10 1.29 29.25
CA ARG A 116 27.35 -0.12 28.97
C ARG A 116 27.87 -0.85 30.20
N GLU A 117 28.86 -0.24 30.86
CA GLU A 117 29.51 -0.86 32.01
C GLU A 117 28.57 -0.95 33.22
N TYR A 118 27.85 0.13 33.47
CA TYR A 118 27.03 0.25 34.69
C TYR A 118 25.66 -0.38 34.52
N LEU A 119 25.54 -1.30 33.57
CA LEU A 119 24.26 -1.95 33.30
C LEU A 119 24.41 -3.45 33.07
N ASN A 120 23.58 -4.22 33.75
CA ASN A 120 23.59 -5.68 33.60
C ASN A 120 22.25 -6.29 33.99
N GLU A 121 22.27 -7.57 34.35
CA GLU A 121 21.05 -8.29 34.68
C GLU A 121 20.54 -7.97 36.08
N THR A 122 21.37 -7.26 36.86
CA THR A 122 21.00 -6.89 38.22
C THR A 122 20.05 -5.70 38.25
N VAL A 123 20.07 -4.90 37.20
CA VAL A 123 19.24 -3.70 37.12
C VAL A 123 17.81 -4.04 36.69
N THR A 124 16.85 -3.71 37.55
CA THR A 124 15.45 -4.02 37.29
C THR A 124 14.57 -2.78 37.41
N GLU A 125 15.13 -1.69 37.94
CA GLU A 125 14.38 -0.45 38.14
C GLU A 125 15.29 0.76 37.98
N VAL A 126 14.88 1.69 37.12
CA VAL A 126 15.71 2.86 36.80
C VAL A 126 14.98 4.17 37.07
N TRP A 127 15.70 5.15 37.60
CA TRP A 127 15.13 6.47 37.84
C TRP A 127 15.89 7.55 37.06
N ILE A 128 15.16 8.52 36.52
CA ILE A 128 15.76 9.58 35.73
C ILE A 128 15.15 10.95 36.02
N GLU A 129 16.02 11.92 36.32
CA GLU A 129 15.60 13.29 36.53
C GLU A 129 16.24 14.21 35.49
N ASP A 130 15.41 14.90 34.72
CA ASP A 130 15.90 15.81 33.68
C ASP A 130 14.83 16.85 33.38
N PRO A 131 15.12 18.12 33.67
CA PRO A 131 14.15 19.21 33.50
C PRO A 131 13.86 19.55 32.04
N TYR A 132 14.51 18.87 31.10
CA TYR A 132 14.32 19.19 29.69
C TYR A 132 14.04 17.96 28.82
N ILE A 133 12.88 17.36 29.04
CA ILE A 133 12.40 16.29 28.17
C ILE A 133 11.06 16.76 27.59
N ARG A 134 11.11 17.88 26.86
CA ARG A 134 9.89 18.52 26.38
C ARG A 134 9.84 18.61 24.85
N HIS A 135 10.93 19.07 24.24
CA HIS A 135 10.97 19.25 22.79
C HIS A 135 10.95 17.91 22.07
N THR A 136 10.66 17.95 20.78
CA THR A 136 10.50 16.74 19.97
C THR A 136 11.75 15.85 19.97
N HIS A 137 12.90 16.45 19.71
CA HIS A 137 14.15 15.69 19.64
C HIS A 137 14.56 15.16 21.01
N GLN A 138 14.14 15.86 22.07
CA GLN A 138 14.46 15.45 23.43
C GLN A 138 13.67 14.21 23.84
N LEU A 139 12.46 14.09 23.30
CA LEU A 139 11.63 12.92 23.57
C LEU A 139 12.26 11.69 22.91
N TYR A 140 12.94 11.91 21.78
CA TYR A 140 13.63 10.85 21.07
C TYR A 140 14.90 10.43 21.82
N ASN A 141 15.56 11.39 22.44
CA ASN A 141 16.71 11.09 23.29
C ASN A 141 16.30 10.14 24.40
N PHE A 142 15.14 10.41 25.01
CA PHE A 142 14.60 9.57 26.05
C PHE A 142 14.15 8.23 25.47
N LEU A 143 13.74 8.23 24.22
CA LEU A 143 13.27 7.02 23.56
C LEU A 143 14.41 6.04 23.32
N ARG A 144 15.52 6.54 22.78
CA ARG A 144 16.70 5.71 22.53
C ARG A 144 17.28 5.20 23.84
N PHE A 145 17.04 5.95 24.91
CA PHE A 145 17.46 5.54 26.24
C PHE A 145 16.74 4.27 26.65
N CYS A 146 15.42 4.27 26.50
CA CYS A 146 14.60 3.12 26.88
C CYS A 146 14.83 1.92 25.96
N GLU A 147 15.05 2.20 24.68
CA GLU A 147 15.31 1.15 23.69
C GLU A 147 16.52 0.32 24.10
N MET A 148 17.58 1.02 24.49
CA MET A 148 18.82 0.37 24.91
C MET A 148 18.67 -0.26 26.30
N LEU A 149 17.71 0.24 27.07
CA LEU A 149 17.54 -0.20 28.45
C LEU A 149 16.87 -1.56 28.60
N ILE A 150 16.29 -2.09 27.53
CA ILE A 150 15.57 -3.35 27.62
C ILE A 150 15.86 -4.34 26.48
N LYS A 151 17.13 -4.43 26.08
CA LYS A 151 17.52 -5.40 25.06
C LYS A 151 17.38 -6.83 25.57
N CYS A 154 19.74 -6.50 30.90
CA CYS A 154 18.62 -6.27 30.00
C CYS A 154 17.33 -6.87 30.55
N LYS A 155 17.07 -6.62 31.83
CA LYS A 155 15.86 -7.14 32.48
C LYS A 155 15.20 -6.07 33.36
N VAL A 156 14.91 -4.92 32.76
CA VAL A 156 14.30 -3.81 33.49
C VAL A 156 12.78 -3.91 33.46
N LYS A 157 12.14 -3.65 34.60
CA LYS A 157 10.69 -3.77 34.71
C LYS A 157 9.96 -2.46 34.96
N THR A 158 10.62 -1.53 35.65
CA THR A 158 9.98 -0.26 36.00
C THR A 158 10.91 0.94 35.82
N ILE A 159 10.42 1.96 35.13
CA ILE A 159 11.19 3.18 34.90
C ILE A 159 10.41 4.42 35.35
N HIS A 160 11.03 5.23 36.20
CA HIS A 160 10.40 6.44 36.71
C HIS A 160 11.01 7.70 36.08
N LEU A 161 10.17 8.54 35.52
CA LEU A 161 10.62 9.78 34.88
C LEU A 161 10.13 11.02 35.63
N LEU A 162 11.03 11.96 35.85
CA LEU A 162 10.69 13.23 36.48
C LEU A 162 11.24 14.38 35.65
N THR A 163 10.36 15.05 34.92
CA THR A 163 10.77 16.12 34.01
C THR A 163 9.95 17.40 34.19
N SER A 164 10.58 18.54 33.95
CA SER A 164 9.89 19.82 34.04
C SER A 164 8.99 20.03 32.83
N LEU A 165 7.70 20.21 33.09
CA LEU A 165 6.70 20.38 32.03
C LEU A 165 6.90 21.71 31.31
N ASP A 166 6.74 21.68 29.98
CA ASP A 166 6.93 22.88 29.16
C ASP A 166 5.82 23.89 29.38
N GLU A 167 6.19 25.15 29.57
CA GLU A 167 5.20 26.20 29.82
C GLU A 167 4.35 26.53 28.59
N GLY A 168 4.95 26.43 27.41
CA GLY A 168 4.28 26.80 26.18
C GLY A 168 3.18 25.83 25.77
N ILE A 169 2.69 26.00 24.55
CA ILE A 169 1.64 25.15 24.00
C ILE A 169 2.22 23.80 23.56
N GLU A 170 3.52 23.79 23.28
CA GLU A 170 4.22 22.55 22.91
C GLU A 170 4.10 21.46 23.97
N GLN A 171 3.61 21.84 25.15
CA GLN A 171 3.38 20.91 26.25
C GLN A 171 2.35 19.84 25.88
N VAL A 172 1.46 20.17 24.95
CA VAL A 172 0.40 19.24 24.57
C VAL A 172 0.98 18.05 23.81
N GLN A 173 1.91 18.33 22.90
CA GLN A 173 2.56 17.27 22.13
C GLN A 173 3.58 16.55 23.00
N GLN A 174 4.11 17.25 23.99
CA GLN A 174 5.05 16.65 24.94
C GLN A 174 4.35 15.57 25.76
N SER A 175 3.22 15.93 26.36
CA SER A 175 2.46 14.99 27.18
C SER A 175 1.89 13.84 26.35
N ARG A 176 1.29 14.18 25.21
CA ARG A 176 0.69 13.17 24.34
C ARG A 176 1.74 12.19 23.82
N GLY A 177 2.94 12.71 23.53
CA GLY A 177 4.03 11.89 23.03
C GLY A 177 4.59 10.95 24.09
N LEU A 178 4.73 11.46 25.31
CA LEU A 178 5.25 10.66 26.41
C LEU A 178 4.32 9.51 26.79
N GLN A 179 3.02 9.70 26.54
CA GLN A 179 2.05 8.64 26.80
C GLN A 179 2.22 7.51 25.78
N GLU A 180 2.48 7.88 24.53
CA GLU A 180 2.70 6.90 23.47
C GLU A 180 3.92 6.03 23.79
N ILE A 181 4.94 6.64 24.37
CA ILE A 181 6.13 5.93 24.81
C ILE A 181 5.77 5.00 25.96
N GLU A 182 5.00 5.52 26.90
CA GLU A 182 4.54 4.73 28.05
C GLU A 182 3.68 3.57 27.59
N GLU A 183 2.89 3.80 26.54
CA GLU A 183 2.02 2.76 26.00
C GLU A 183 2.82 1.66 25.32
N SER A 184 3.80 2.05 24.51
CA SER A 184 4.63 1.09 23.80
C SER A 184 5.49 0.27 24.75
N LEU A 185 5.97 0.93 25.81
CA LEU A 185 6.72 0.25 26.86
C LEU A 185 5.82 -0.73 27.59
N ARG A 186 4.58 -0.32 27.82
CA ARG A 186 3.59 -1.17 28.47
C ARG A 186 3.30 -2.38 27.60
N SER A 187 3.46 -2.22 26.29
CA SER A 187 3.26 -3.32 25.35
C SER A 187 4.41 -4.32 25.42
N HIS A 188 5.53 -3.88 25.96
CA HIS A 188 6.70 -4.74 26.12
C HIS A 188 6.82 -5.28 27.54
N GLY A 189 5.93 -4.81 28.41
CA GLY A 189 5.90 -5.26 29.80
C GLY A 189 6.73 -4.39 30.71
N VAL A 190 6.76 -3.09 30.43
CA VAL A 190 7.52 -2.15 31.24
C VAL A 190 6.66 -1.01 31.74
N LEU A 191 6.66 -0.82 33.06
CA LEU A 191 5.91 0.26 33.68
C LEU A 191 6.67 1.58 33.62
N LEU A 192 6.14 2.54 32.86
CA LEU A 192 6.74 3.87 32.79
C LEU A 192 5.92 4.87 33.59
N GLU A 193 6.50 5.40 34.66
CA GLU A 193 5.82 6.39 35.47
C GLU A 193 6.35 7.78 35.13
N VAL A 194 5.47 8.61 34.57
CA VAL A 194 5.86 9.97 34.19
C VAL A 194 5.26 11.00 35.15
N GLN A 195 6.14 11.79 35.76
CA GLN A 195 5.71 12.85 36.66
C GLN A 195 6.38 14.18 36.36
N TYR A 196 5.58 15.25 36.32
CA TYR A 196 6.08 16.57 35.98
C TYR A 196 6.22 17.46 37.21
N SER A 197 7.19 18.37 37.17
CA SER A 197 7.41 19.32 38.26
C SER A 197 8.34 20.45 37.81
N SER A 198 7.76 21.59 37.44
CA SER A 198 8.54 22.74 37.02
C SER A 198 9.26 23.37 38.21
N SER A 199 10.26 22.66 38.73
CA SER A 199 10.98 23.11 39.92
C SER A 199 12.36 22.47 40.00
N ILE A 200 12.45 21.20 39.61
CA ILE A 200 13.71 20.46 39.67
C ILE A 200 14.73 21.00 38.69
N HIS A 201 16.01 20.81 39.01
CA HIS A 201 17.09 21.27 38.14
C HIS A 201 18.27 20.29 38.15
N ASP A 202 18.13 19.21 38.91
CA ASP A 202 19.19 18.21 39.01
C ASP A 202 19.05 17.14 37.93
N ARG A 203 20.11 16.98 37.13
CA ARG A 203 20.15 15.93 36.13
C ARG A 203 20.73 14.66 36.73
N GLU A 204 19.86 13.79 37.22
CA GLU A 204 20.29 12.62 37.97
C GLU A 204 19.67 11.33 37.42
N ILE A 205 20.51 10.33 37.19
CA ILE A 205 20.05 9.04 36.71
C ILE A 205 20.44 7.95 37.71
N ARG A 206 19.48 7.12 38.09
CA ARG A 206 19.70 6.14 39.15
C ARG A 206 19.35 4.71 38.73
N PHE A 207 20.20 3.76 39.11
CA PHE A 207 19.95 2.35 38.90
C PHE A 207 19.72 1.64 40.22
N ASN A 208 18.93 0.58 40.22
CA ASN A 208 18.59 -0.14 41.45
C ASN A 208 19.62 -1.21 41.82
N ASN A 209 20.87 -0.99 41.45
CA ASN A 209 21.95 -1.89 41.82
C ASN A 209 23.10 -1.13 42.50
N GLY A 210 22.85 0.14 42.81
CA GLY A 210 23.82 0.96 43.51
C GLY A 210 24.39 2.07 42.66
N TRP A 211 24.04 2.09 41.38
CA TRP A 211 24.61 3.07 40.45
C TRP A 211 23.79 4.35 40.36
N MET A 212 24.49 5.48 40.28
CA MET A 212 23.85 6.78 40.10
C MET A 212 24.64 7.64 39.11
N ILE A 213 23.98 8.07 38.04
CA ILE A 213 24.62 8.84 36.98
C ILE A 213 24.18 10.30 36.98
N LYS A 214 25.14 11.20 36.86
CA LYS A 214 24.85 12.63 36.86
C LYS A 214 25.53 13.34 35.69
N ILE A 215 24.74 13.65 34.66
CA ILE A 215 25.26 14.31 33.47
C ILE A 215 25.04 15.82 33.54
N GLY A 216 26.07 16.58 33.21
CA GLY A 216 26.02 18.03 33.29
C GLY A 216 25.02 18.69 32.36
N ARG A 217 24.61 17.97 31.32
CA ARG A 217 23.66 18.52 30.36
C ARG A 217 22.43 17.64 30.20
N GLY A 218 22.37 16.54 30.95
CA GLY A 218 21.28 15.60 30.84
C GLY A 218 21.43 14.71 29.62
N LEU A 219 20.31 14.28 29.06
CA LEU A 219 20.33 13.41 27.88
C LEU A 219 20.46 14.21 26.59
N ASP A 220 20.42 15.53 26.70
CA ASP A 220 20.50 16.40 25.53
C ASP A 220 21.89 17.01 25.41
N TYR A 221 22.86 16.19 24.99
CA TYR A 221 24.22 16.67 24.78
C TYR A 221 24.71 16.34 23.37
N PHE A 222 23.78 15.94 22.51
CA PHE A 222 24.11 15.69 21.10
C PHE A 222 23.74 16.89 20.25
N LYS A 223 24.68 17.29 19.38
CA LYS A 223 24.41 18.38 18.44
C LYS A 223 23.48 17.91 17.34
N LYS A 224 22.90 18.85 16.62
CA LYS A 224 22.03 18.51 15.50
C LYS A 224 22.85 17.84 14.41
N PRO A 225 22.21 16.95 13.61
CA PRO A 225 22.94 16.29 12.52
C PRO A 225 23.41 17.29 11.47
N GLN A 226 24.55 17.03 10.88
CA GLN A 226 25.13 17.93 9.89
C GLN A 226 24.23 18.07 8.66
N SER A 227 24.05 16.97 7.94
CA SER A 227 23.16 16.97 6.78
C SER A 227 22.06 15.91 6.95
N ARG A 228 21.27 15.73 5.90
CA ARG A 228 20.18 14.76 5.92
C ARG A 228 20.72 13.33 6.00
N PHE A 229 21.80 13.08 5.26
CA PHE A 229 22.36 11.75 5.14
C PHE A 229 23.79 11.67 5.68
N SER A 230 24.11 12.50 6.65
CA SER A 230 25.42 12.47 7.29
C SER A 230 25.48 11.35 8.32
N LEU A 231 26.62 10.70 8.46
CA LEU A 231 26.80 9.64 9.44
C LEU A 231 26.58 10.18 10.85
N GLY A 232 26.06 9.34 11.72
CA GLY A 232 25.73 9.75 13.07
C GLY A 232 24.28 10.20 13.17
N TYR A 233 23.59 10.14 12.03
CA TYR A 233 22.18 10.51 11.97
C TYR A 233 21.33 9.51 12.72
N CYS A 234 21.71 8.23 12.66
CA CYS A 234 20.98 7.17 13.32
C CYS A 234 21.81 6.52 14.44
N ASP A 235 23.13 6.48 14.25
CA ASP A 235 24.03 5.95 15.27
C ASP A 235 24.71 7.11 15.99
N PHE A 236 24.25 7.41 17.20
CA PHE A 236 24.77 8.53 17.97
C PHE A 236 26.19 8.31 18.51
N ASP A 237 26.80 7.19 18.13
CA ASP A 237 28.21 6.95 18.42
C ASP A 237 29.08 7.72 17.43
N LEU A 238 28.43 8.33 16.43
CA LEU A 238 29.13 9.13 15.44
C LEU A 238 28.58 10.55 15.42
N ARG A 239 27.70 10.85 16.37
CA ARG A 239 27.12 12.17 16.48
C ARG A 239 27.97 13.08 17.37
N PRO A 240 28.36 14.25 16.85
CA PRO A 240 29.15 15.24 17.60
C PRO A 240 28.43 15.71 18.86
N CYS A 241 29.15 15.72 19.98
CA CYS A 241 28.55 16.06 21.27
C CYS A 241 28.89 17.47 21.71
N HIS A 242 28.08 18.02 22.62
CA HIS A 242 28.38 19.29 23.26
C HIS A 242 29.30 19.04 24.45
N GLU A 243 30.06 20.06 24.82
CA GLU A 243 30.97 19.96 25.96
C GLU A 243 30.17 19.80 27.25
N THR A 244 30.47 18.74 27.99
CA THR A 244 29.76 18.49 29.24
C THR A 244 30.59 17.61 30.19
N THR A 245 30.09 17.43 31.41
CA THR A 245 30.75 16.60 32.40
C THR A 245 29.81 15.55 32.96
N VAL A 246 30.34 14.38 33.28
CA VAL A 246 29.54 13.29 33.81
C VAL A 246 30.11 12.72 35.10
N ASP A 247 29.36 12.84 36.18
CA ASP A 247 29.79 12.32 37.48
C ASP A 247 29.11 10.99 37.81
N ILE A 248 29.90 10.04 38.31
CA ILE A 248 29.38 8.72 38.65
C ILE A 248 29.45 8.50 40.16
N PHE A 249 28.48 7.76 40.70
CA PHE A 249 28.45 7.46 42.13
C PHE A 249 28.11 6.00 42.36
N HIS A 250 28.30 5.53 43.59
CA HIS A 250 27.97 4.15 43.93
C HIS A 250 27.66 3.98 45.41
N LYS A 251 26.53 3.32 45.69
CA LYS A 251 26.15 3.03 47.07
C LYS A 251 26.70 1.69 47.53
N HIS B 97 -39.91 -12.06 -36.68
CA HIS B 97 -38.51 -12.13 -36.29
C HIS B 97 -37.62 -11.38 -37.28
N LYS B 98 -36.56 -10.74 -36.77
CA LYS B 98 -35.71 -9.91 -37.60
C LYS B 98 -34.24 -10.27 -37.49
N GLN B 99 -33.56 -10.34 -38.63
CA GLN B 99 -32.13 -10.63 -38.68
C GLN B 99 -31.33 -9.33 -38.84
N ILE B 100 -30.16 -9.28 -38.22
CA ILE B 100 -29.29 -8.11 -38.29
C ILE B 100 -27.89 -8.48 -38.75
N LYS B 101 -27.39 -7.79 -39.78
CA LYS B 101 -26.04 -8.01 -40.25
C LYS B 101 -25.07 -6.98 -39.68
N ILE B 102 -24.07 -7.45 -38.94
CA ILE B 102 -23.02 -6.60 -38.43
C ILE B 102 -21.83 -6.62 -39.39
N GLU B 103 -21.58 -5.51 -40.05
CA GLU B 103 -20.52 -5.43 -41.05
C GLU B 103 -19.13 -5.48 -40.42
N GLU B 104 -18.13 -5.78 -41.23
CA GLU B 104 -16.74 -5.80 -40.77
C GLU B 104 -16.33 -4.43 -40.28
N ASN B 105 -15.61 -4.39 -39.15
CA ASN B 105 -15.18 -3.14 -38.53
C ASN B 105 -16.33 -2.21 -38.17
N ALA B 106 -17.41 -2.78 -37.63
CA ALA B 106 -18.55 -1.99 -37.20
C ALA B 106 -18.38 -1.53 -35.75
N THR B 107 -19.20 -0.58 -35.33
CA THR B 107 -19.13 -0.06 -33.97
C THR B 107 -20.51 0.14 -33.37
N GLY B 108 -20.56 0.42 -32.07
CA GLY B 108 -21.81 0.67 -31.37
C GLY B 108 -22.58 -0.60 -31.11
N PHE B 109 -21.87 -1.71 -30.95
CA PHE B 109 -22.51 -3.01 -30.78
C PHE B 109 -22.03 -3.75 -29.54
N SER B 110 -21.95 -3.05 -28.41
CA SER B 110 -21.67 -3.71 -27.15
C SER B 110 -22.91 -4.49 -26.73
N TYR B 111 -22.74 -5.42 -25.80
CA TYR B 111 -23.86 -6.23 -25.34
C TYR B 111 -24.90 -5.36 -24.66
N GLU B 112 -24.44 -4.27 -24.07
CA GLU B 112 -25.33 -3.29 -23.44
C GLU B 112 -26.25 -2.67 -24.49
N SER B 113 -25.68 -2.38 -25.66
CA SER B 113 -26.43 -1.74 -26.73
C SER B 113 -27.28 -2.71 -27.53
N LEU B 114 -26.72 -3.88 -27.81
CA LEU B 114 -27.38 -4.87 -28.64
C LEU B 114 -28.61 -5.47 -27.95
N PHE B 115 -28.51 -5.66 -26.64
CA PHE B 115 -29.58 -6.31 -25.89
C PHE B 115 -30.44 -5.33 -25.10
N ARG B 116 -30.22 -4.04 -25.31
CA ARG B 116 -30.96 -3.01 -24.59
C ARG B 116 -32.48 -3.12 -24.82
N GLU B 117 -32.85 -3.38 -26.06
CA GLU B 117 -34.26 -3.42 -26.45
C GLU B 117 -35.02 -4.59 -25.82
N TYR B 118 -34.51 -5.81 -26.01
CA TYR B 118 -35.19 -7.00 -25.54
C TYR B 118 -34.78 -7.39 -24.12
N LEU B 119 -34.78 -6.41 -23.22
CA LEU B 119 -34.39 -6.65 -21.84
C LEU B 119 -34.96 -5.60 -20.90
N ASN B 120 -35.63 -6.06 -19.85
CA ASN B 120 -36.20 -5.17 -18.84
C ASN B 120 -36.37 -5.86 -17.50
N GLU B 121 -37.29 -5.37 -16.69
CA GLU B 121 -37.51 -5.90 -15.35
C GLU B 121 -38.26 -7.24 -15.38
N THR B 122 -38.76 -7.62 -16.54
CA THR B 122 -39.51 -8.86 -16.69
C THR B 122 -38.59 -10.08 -16.71
N VAL B 123 -37.39 -9.90 -17.24
CA VAL B 123 -36.43 -10.99 -17.37
C VAL B 123 -35.79 -11.32 -16.01
N THR B 124 -35.96 -12.57 -15.58
CA THR B 124 -35.41 -13.00 -14.29
C THR B 124 -34.56 -14.27 -14.42
N GLU B 125 -34.43 -14.76 -15.65
CA GLU B 125 -33.66 -15.97 -15.90
C GLU B 125 -33.14 -16.00 -17.33
N VAL B 126 -31.84 -16.27 -17.48
CA VAL B 126 -31.21 -16.24 -18.80
C VAL B 126 -30.48 -17.55 -19.12
N TRP B 127 -30.62 -18.02 -20.37
CA TRP B 127 -29.89 -19.19 -20.84
C TRP B 127 -28.96 -18.79 -21.99
N ILE B 128 -27.75 -19.33 -21.99
CA ILE B 128 -26.77 -19.02 -23.04
C ILE B 128 -26.01 -20.25 -23.51
N GLU B 129 -26.01 -20.47 -24.82
CA GLU B 129 -25.27 -21.56 -25.43
C GLU B 129 -24.21 -21.02 -26.39
N ASP B 130 -22.94 -21.24 -26.07
CA ASP B 130 -21.85 -20.80 -26.91
C ASP B 130 -20.65 -21.71 -26.73
N PRO B 131 -20.28 -22.45 -27.77
CA PRO B 131 -19.22 -23.47 -27.71
C PRO B 131 -17.81 -22.91 -27.51
N TYR B 132 -17.68 -21.59 -27.42
CA TYR B 132 -16.36 -20.99 -27.30
C TYR B 132 -16.26 -19.95 -26.17
N ILE B 133 -16.32 -20.44 -24.94
CA ILE B 133 -16.06 -19.60 -23.78
C ILE B 133 -14.88 -20.22 -23.01
N ARG B 134 -13.72 -20.20 -23.66
CA ARG B 134 -12.55 -20.90 -23.12
C ARG B 134 -11.35 -19.98 -22.94
N HIS B 135 -11.07 -19.16 -23.94
CA HIS B 135 -9.91 -18.27 -23.91
C HIS B 135 -10.13 -17.13 -22.92
N THR B 136 -9.06 -16.40 -22.64
CA THR B 136 -9.11 -15.32 -21.66
C THR B 136 -10.07 -14.21 -22.06
N HIS B 137 -9.95 -13.72 -23.29
CA HIS B 137 -10.80 -12.62 -23.75
C HIS B 137 -12.26 -13.04 -23.87
N GLN B 138 -12.49 -14.34 -24.09
CA GLN B 138 -13.83 -14.88 -24.19
C GLN B 138 -14.51 -14.92 -22.82
N LEU B 139 -13.73 -15.22 -21.78
CA LEU B 139 -14.25 -15.25 -20.42
C LEU B 139 -14.65 -13.84 -19.98
N TYR B 140 -13.92 -12.84 -20.46
CA TYR B 140 -14.25 -11.46 -20.17
C TYR B 140 -15.47 -11.01 -20.97
N ASN B 141 -15.60 -11.51 -22.20
CA ASN B 141 -16.79 -11.25 -23.01
C ASN B 141 -18.05 -11.72 -22.29
N PHE B 142 -17.97 -12.91 -21.72
CA PHE B 142 -19.08 -13.44 -20.93
C PHE B 142 -19.27 -12.64 -19.66
N LEU B 143 -18.17 -12.12 -19.12
CA LEU B 143 -18.21 -11.35 -17.88
C LEU B 143 -19.00 -10.05 -18.06
N ARG B 144 -18.70 -9.31 -19.13
CA ARG B 144 -19.39 -8.06 -19.41
C ARG B 144 -20.86 -8.31 -19.70
N PHE B 145 -21.15 -9.48 -20.26
CA PHE B 145 -22.52 -9.88 -20.53
C PHE B 145 -23.32 -9.96 -19.24
N CYS B 146 -22.73 -10.58 -18.23
CA CYS B 146 -23.37 -10.71 -16.92
C CYS B 146 -23.43 -9.37 -16.19
N GLU B 147 -22.47 -8.51 -16.47
CA GLU B 147 -22.39 -7.20 -15.82
C GLU B 147 -23.63 -6.36 -16.12
N MET B 148 -24.11 -6.46 -17.35
CA MET B 148 -25.26 -5.65 -17.76
C MET B 148 -26.58 -6.36 -17.53
N LEU B 149 -26.54 -7.54 -16.91
CA LEU B 149 -27.74 -8.30 -16.61
C LEU B 149 -28.31 -7.98 -15.24
N ILE B 150 -27.62 -7.14 -14.48
CA ILE B 150 -28.05 -6.79 -13.14
C ILE B 150 -27.91 -5.30 -12.84
N LYS B 151 -28.67 -4.48 -13.55
CA LYS B 151 -28.65 -3.04 -13.37
C LYS B 151 -30.05 -2.43 -13.41
N CYS B 154 -33.35 -3.84 -14.22
CA CYS B 154 -33.08 -5.26 -14.46
C CYS B 154 -32.89 -6.01 -13.15
N LYS B 155 -33.29 -7.29 -13.14
CA LYS B 155 -33.15 -8.13 -11.96
C LYS B 155 -33.21 -9.62 -12.29
N VAL B 156 -32.08 -10.17 -12.73
CA VAL B 156 -31.99 -11.59 -13.07
C VAL B 156 -31.45 -12.38 -11.89
N LYS B 157 -32.04 -13.55 -11.63
CA LYS B 157 -31.66 -14.35 -10.46
C LYS B 157 -31.10 -15.73 -10.82
N THR B 158 -31.11 -16.07 -12.10
CA THR B 158 -30.61 -17.38 -12.54
C THR B 158 -30.04 -17.34 -13.97
N ILE B 159 -28.79 -17.77 -14.12
CA ILE B 159 -28.14 -17.81 -15.42
C ILE B 159 -27.55 -19.18 -15.74
N HIS B 160 -27.94 -19.73 -16.89
CA HIS B 160 -27.44 -21.04 -17.31
C HIS B 160 -26.47 -20.92 -18.48
N LEU B 161 -25.25 -21.43 -18.28
CA LEU B 161 -24.23 -21.40 -19.33
C LEU B 161 -23.90 -22.79 -19.84
N LEU B 162 -23.81 -22.91 -21.16
CA LEU B 162 -23.43 -24.17 -21.80
C LEU B 162 -22.34 -23.93 -22.84
N THR B 163 -21.13 -24.38 -22.56
CA THR B 163 -20.01 -24.17 -23.46
C THR B 163 -19.18 -25.43 -23.65
N SER B 164 -18.39 -25.46 -24.72
CA SER B 164 -17.51 -26.60 -24.98
C SER B 164 -16.21 -26.46 -24.20
N LEU B 165 -15.86 -27.50 -23.47
CA LEU B 165 -14.63 -27.50 -22.68
C LEU B 165 -13.41 -27.58 -23.58
N ASP B 166 -12.35 -26.87 -23.21
CA ASP B 166 -11.13 -26.87 -24.00
C ASP B 166 -10.32 -28.13 -23.71
N GLU B 167 -9.86 -28.79 -24.77
CA GLU B 167 -9.13 -30.04 -24.62
C GLU B 167 -7.69 -29.79 -24.13
N GLY B 168 -7.15 -28.63 -24.48
CA GLY B 168 -5.80 -28.28 -24.10
C GLY B 168 -5.63 -28.01 -22.62
N ILE B 169 -4.47 -27.49 -22.24
CA ILE B 169 -4.16 -27.22 -20.85
C ILE B 169 -4.83 -25.94 -20.38
N GLU B 170 -5.30 -25.13 -21.34
CA GLU B 170 -5.99 -23.88 -21.02
C GLU B 170 -7.32 -24.16 -20.33
N GLN B 171 -7.72 -25.43 -20.35
CA GLN B 171 -8.91 -25.91 -19.65
C GLN B 171 -8.87 -25.57 -18.16
N VAL B 172 -7.67 -25.60 -17.59
CA VAL B 172 -7.49 -25.36 -16.17
C VAL B 172 -7.92 -23.93 -15.76
N GLN B 173 -7.48 -22.94 -16.53
CA GLN B 173 -7.83 -21.56 -16.24
C GLN B 173 -9.28 -21.26 -16.64
N GLN B 174 -9.77 -21.99 -17.64
CA GLN B 174 -11.16 -21.83 -18.09
C GLN B 174 -12.14 -22.22 -17.00
N SER B 175 -12.00 -23.44 -16.49
CA SER B 175 -12.88 -23.94 -15.45
C SER B 175 -12.72 -23.13 -14.16
N ARG B 176 -11.48 -22.84 -13.79
CA ARG B 176 -11.19 -22.05 -12.61
C ARG B 176 -11.75 -20.63 -12.74
N GLY B 177 -11.63 -20.06 -13.93
CA GLY B 177 -12.11 -18.72 -14.19
C GLY B 177 -13.62 -18.60 -14.08
N LEU B 178 -14.32 -19.55 -14.69
CA LEU B 178 -15.78 -19.55 -14.65
C LEU B 178 -16.32 -19.78 -13.24
N GLN B 179 -15.53 -20.43 -12.39
CA GLN B 179 -15.91 -20.61 -11.00
C GLN B 179 -15.85 -19.29 -10.25
N GLU B 180 -14.81 -18.51 -10.50
CA GLU B 180 -14.65 -17.21 -9.85
C GLU B 180 -15.79 -16.26 -10.25
N ILE B 181 -16.24 -16.38 -11.49
CA ILE B 181 -17.38 -15.61 -11.98
C ILE B 181 -18.66 -16.07 -11.28
N GLU B 182 -18.82 -17.39 -11.19
CA GLU B 182 -19.96 -17.98 -10.51
C GLU B 182 -19.98 -17.58 -9.05
N GLU B 183 -18.80 -17.45 -8.45
CA GLU B 183 -18.66 -17.05 -7.05
C GLU B 183 -19.04 -15.59 -6.86
N SER B 184 -18.56 -14.72 -7.74
CA SER B 184 -18.83 -13.29 -7.65
C SER B 184 -20.31 -13.02 -7.90
N LEU B 185 -20.89 -13.76 -8.84
CA LEU B 185 -22.32 -13.64 -9.12
C LEU B 185 -23.14 -14.10 -7.92
N ARG B 186 -22.66 -15.16 -7.26
CA ARG B 186 -23.34 -15.70 -6.09
C ARG B 186 -23.38 -14.68 -4.95
N SER B 187 -22.33 -13.87 -4.84
CA SER B 187 -22.25 -12.85 -3.80
C SER B 187 -23.19 -11.69 -4.11
N HIS B 188 -23.60 -11.57 -5.36
CA HIS B 188 -24.54 -10.53 -5.77
C HIS B 188 -25.98 -11.06 -5.75
N GLY B 189 -26.14 -12.34 -5.44
CA GLY B 189 -27.45 -12.96 -5.38
C GLY B 189 -27.89 -13.53 -6.72
N VAL B 190 -26.95 -14.11 -7.45
CA VAL B 190 -27.24 -14.68 -8.75
C VAL B 190 -26.76 -16.12 -8.85
N LEU B 191 -27.65 -17.01 -9.27
CA LEU B 191 -27.30 -18.42 -9.45
C LEU B 191 -26.76 -18.67 -10.85
N LEU B 192 -25.45 -18.90 -10.94
CA LEU B 192 -24.84 -19.23 -12.22
C LEU B 192 -24.57 -20.73 -12.32
N GLU B 193 -25.06 -21.33 -13.39
CA GLU B 193 -24.87 -22.76 -13.63
C GLU B 193 -24.05 -22.99 -14.88
N VAL B 194 -22.95 -23.74 -14.73
CA VAL B 194 -22.04 -23.98 -15.83
C VAL B 194 -22.05 -25.45 -16.25
N GLN B 195 -22.32 -25.69 -17.52
CA GLN B 195 -22.28 -27.05 -18.07
C GLN B 195 -21.39 -27.13 -19.31
N TYR B 196 -20.73 -28.26 -19.48
CA TYR B 196 -19.80 -28.44 -20.60
C TYR B 196 -20.26 -29.55 -21.53
N SER B 197 -19.94 -29.41 -22.81
CA SER B 197 -20.30 -30.41 -23.82
C SER B 197 -19.53 -30.16 -25.11
N SER B 198 -18.78 -31.17 -25.55
CA SER B 198 -18.03 -31.07 -26.81
C SER B 198 -18.89 -31.56 -27.97
N SER B 199 -20.18 -31.25 -27.93
CA SER B 199 -21.12 -31.72 -28.94
C SER B 199 -22.02 -30.59 -29.44
N ILE B 200 -22.21 -29.58 -28.60
CA ILE B 200 -23.06 -28.44 -28.95
C ILE B 200 -22.37 -27.50 -29.93
N HIS B 201 -23.15 -26.91 -30.84
CA HIS B 201 -22.60 -26.03 -31.86
C HIS B 201 -23.48 -24.80 -32.05
N ASP B 202 -24.73 -24.88 -31.61
CA ASP B 202 -25.67 -23.78 -31.77
C ASP B 202 -25.38 -22.62 -30.83
N ARG B 203 -25.19 -21.44 -31.42
CA ARG B 203 -25.02 -20.22 -30.63
C ARG B 203 -26.39 -19.62 -30.32
N GLU B 204 -26.83 -19.79 -29.08
CA GLU B 204 -28.19 -19.38 -28.71
C GLU B 204 -28.28 -18.79 -27.31
N ILE B 205 -28.90 -17.61 -27.22
CA ILE B 205 -29.15 -16.97 -25.94
C ILE B 205 -30.65 -16.94 -25.68
N ARG B 206 -31.06 -17.16 -24.44
CA ARG B 206 -32.49 -17.22 -24.12
C ARG B 206 -32.86 -16.47 -22.85
N PHE B 207 -33.86 -15.59 -22.96
CA PHE B 207 -34.41 -14.90 -21.80
C PHE B 207 -35.75 -15.53 -21.42
N ASN B 208 -36.14 -15.37 -20.16
CA ASN B 208 -37.38 -15.98 -19.66
C ASN B 208 -38.60 -15.08 -19.82
N ASN B 209 -38.52 -14.14 -20.77
CA ASN B 209 -39.66 -13.29 -21.08
C ASN B 209 -40.16 -13.54 -22.51
N GLY B 210 -39.75 -14.68 -23.07
CA GLY B 210 -40.15 -15.04 -24.41
C GLY B 210 -39.07 -14.74 -25.43
N TRP B 211 -38.20 -13.79 -25.09
CA TRP B 211 -37.14 -13.36 -26.00
C TRP B 211 -35.94 -14.33 -26.00
N MET B 212 -35.29 -14.42 -27.15
CA MET B 212 -34.15 -15.30 -27.33
C MET B 212 -33.35 -14.88 -28.58
N ILE B 213 -32.03 -15.00 -28.51
CA ILE B 213 -31.17 -14.46 -29.57
C ILE B 213 -30.06 -15.41 -30.06
N LYS B 214 -29.98 -15.59 -31.37
CA LYS B 214 -28.93 -16.39 -31.99
C LYS B 214 -27.93 -15.52 -32.75
N ILE B 215 -26.70 -15.45 -32.23
CA ILE B 215 -25.66 -14.67 -32.88
C ILE B 215 -24.74 -15.58 -33.70
N GLY B 216 -24.30 -15.10 -34.85
CA GLY B 216 -23.43 -15.87 -35.73
C GLY B 216 -22.17 -16.37 -35.06
N ARG B 217 -21.27 -15.45 -34.74
CA ARG B 217 -20.00 -15.81 -34.11
C ARG B 217 -20.16 -16.06 -32.61
N GLY B 218 -21.34 -15.77 -32.09
CA GLY B 218 -21.59 -15.87 -30.66
C GLY B 218 -21.24 -14.56 -29.97
N LEU B 219 -20.66 -14.65 -28.79
CA LEU B 219 -20.25 -13.45 -28.05
C LEU B 219 -18.89 -12.96 -28.54
N ASP B 220 -18.11 -13.85 -29.14
CA ASP B 220 -16.79 -13.49 -29.63
C ASP B 220 -16.87 -12.94 -31.05
N TYR B 221 -17.23 -11.67 -31.16
CA TYR B 221 -17.27 -10.99 -32.45
C TYR B 221 -16.57 -9.64 -32.38
N PHE B 222 -15.79 -9.45 -31.32
CA PHE B 222 -15.02 -8.22 -31.14
C PHE B 222 -13.57 -8.44 -31.51
N LYS B 223 -13.05 -7.60 -32.40
CA LYS B 223 -11.64 -7.66 -32.77
C LYS B 223 -10.78 -7.17 -31.61
N LYS B 224 -9.49 -7.51 -31.64
CA LYS B 224 -8.57 -7.04 -30.62
C LYS B 224 -8.44 -5.52 -30.71
N PRO B 225 -8.11 -4.85 -29.59
CA PRO B 225 -7.92 -3.40 -29.62
C PRO B 225 -6.70 -3.04 -30.47
N GLN B 226 -6.74 -1.86 -31.10
CA GLN B 226 -5.65 -1.42 -31.96
C GLN B 226 -4.36 -1.25 -31.18
N SER B 227 -4.36 -0.33 -30.22
CA SER B 227 -3.22 -0.16 -29.31
C SER B 227 -3.68 -0.40 -27.88
N ARG B 228 -2.76 -0.24 -26.92
CA ARG B 228 -3.08 -0.48 -25.52
C ARG B 228 -3.77 0.73 -24.88
N PHE B 229 -3.87 1.81 -25.62
CA PHE B 229 -4.54 3.02 -25.14
C PHE B 229 -5.50 3.59 -26.17
N SER B 230 -5.88 2.77 -27.14
CA SER B 230 -6.82 3.19 -28.17
C SER B 230 -8.25 3.17 -27.63
N LEU B 231 -9.09 4.05 -28.16
CA LEU B 231 -10.49 4.09 -27.76
C LEU B 231 -11.18 2.78 -28.13
N GLY B 232 -12.21 2.43 -27.36
CA GLY B 232 -12.91 1.17 -27.56
C GLY B 232 -12.26 0.06 -26.78
N TYR B 233 -11.25 0.42 -25.97
CA TYR B 233 -10.53 -0.54 -25.15
C TYR B 233 -11.41 -1.03 -24.01
N CYS B 234 -12.17 -0.11 -23.42
CA CYS B 234 -13.05 -0.44 -22.30
C CYS B 234 -14.52 -0.30 -22.69
N ASP B 235 -14.80 0.60 -23.63
CA ASP B 235 -16.15 0.78 -24.14
C ASP B 235 -16.27 0.07 -25.48
N PHE B 236 -16.89 -1.11 -25.47
CA PHE B 236 -17.00 -1.94 -26.67
C PHE B 236 -17.97 -1.40 -27.72
N ASP B 237 -18.57 -0.25 -27.44
CA ASP B 237 -19.39 0.44 -28.43
C ASP B 237 -18.50 1.16 -29.43
N LEU B 238 -17.21 1.23 -29.11
CA LEU B 238 -16.24 1.85 -30.00
C LEU B 238 -15.22 0.83 -30.49
N ARG B 239 -15.48 -0.44 -30.19
CA ARG B 239 -14.60 -1.52 -30.60
C ARG B 239 -15.06 -2.09 -31.95
N PRO B 240 -14.14 -2.11 -32.93
CA PRO B 240 -14.41 -2.66 -34.26
C PRO B 240 -14.78 -4.14 -34.20
N CYS B 241 -15.95 -4.48 -34.70
CA CYS B 241 -16.46 -5.85 -34.62
C CYS B 241 -16.16 -6.66 -35.88
N HIS B 242 -16.04 -7.98 -35.71
CA HIS B 242 -15.94 -8.88 -36.85
C HIS B 242 -17.27 -8.94 -37.57
N GLU B 243 -17.24 -9.23 -38.87
CA GLU B 243 -18.46 -9.33 -39.66
C GLU B 243 -19.24 -10.59 -39.28
N THR B 244 -20.50 -10.41 -38.90
CA THR B 244 -21.35 -11.53 -38.54
C THR B 244 -22.83 -11.15 -38.60
N THR B 245 -23.69 -12.15 -38.50
CA THR B 245 -25.13 -11.91 -38.51
C THR B 245 -25.75 -12.37 -37.19
N VAL B 246 -26.98 -11.93 -36.93
CA VAL B 246 -27.67 -12.32 -35.70
C VAL B 246 -29.19 -12.39 -35.90
N ASP B 247 -29.77 -13.53 -35.54
CA ASP B 247 -31.20 -13.74 -35.68
C ASP B 247 -31.92 -13.63 -34.33
N ILE B 248 -32.98 -12.83 -34.29
CA ILE B 248 -33.75 -12.63 -33.07
C ILE B 248 -35.16 -13.16 -33.24
N PHE B 249 -35.55 -14.12 -32.40
CA PHE B 249 -36.88 -14.72 -32.46
C PHE B 249 -37.68 -14.45 -31.19
N HIS B 250 -38.97 -14.76 -31.24
CA HIS B 250 -39.85 -14.57 -30.09
C HIS B 250 -41.09 -15.45 -30.18
N LYS B 251 -41.31 -16.27 -29.15
CA LYS B 251 -42.47 -17.15 -29.12
C LYS B 251 -43.54 -16.63 -28.17
N PRO C 18 -0.55 -43.74 8.84
CA PRO C 18 0.13 -45.05 8.83
C PRO C 18 1.37 -45.03 7.95
N GLN C 19 1.18 -44.79 6.66
CA GLN C 19 2.29 -44.72 5.72
C GLN C 19 2.84 -43.30 5.66
N SER C 20 1.93 -42.33 5.75
CA SER C 20 2.30 -40.92 5.72
C SER C 20 2.83 -40.44 7.07
N THR C 21 2.81 -41.33 8.05
CA THR C 21 3.35 -41.01 9.37
C THR C 21 4.87 -40.95 9.32
N ALA C 22 5.47 -41.89 8.61
CA ALA C 22 6.92 -41.94 8.45
C ALA C 22 7.40 -40.84 7.52
N ALA C 23 6.47 -40.29 6.72
CA ALA C 23 6.78 -39.21 5.81
C ALA C 23 7.04 -37.90 6.56
N ALA C 24 6.57 -37.85 7.81
CA ALA C 24 6.73 -36.67 8.64
C ALA C 24 8.00 -36.74 9.48
N THR C 25 8.38 -37.95 9.87
CA THR C 25 9.57 -38.16 10.69
C THR C 25 10.83 -37.82 9.90
N VAL C 26 10.79 -38.09 8.61
CA VAL C 26 11.92 -37.82 7.73
C VAL C 26 12.12 -36.32 7.55
N LEU C 27 11.03 -35.60 7.31
CA LEU C 27 11.09 -34.15 7.13
C LEU C 27 11.54 -33.45 8.40
N LYS C 28 11.14 -33.98 9.56
CA LYS C 28 11.57 -33.43 10.84
C LYS C 28 13.08 -33.55 10.99
N ARG C 29 13.61 -34.71 10.62
CA ARG C 29 15.05 -34.94 10.66
C ARG C 29 15.75 -34.05 9.63
N ALA C 30 15.10 -33.86 8.49
CA ALA C 30 15.63 -33.01 7.44
C ALA C 30 15.76 -31.57 7.90
N VAL C 31 14.76 -31.10 8.65
CA VAL C 31 14.77 -29.75 9.18
C VAL C 31 15.82 -29.59 10.27
N GLU C 32 15.92 -30.58 11.16
CA GLU C 32 16.92 -30.57 12.21
C GLU C 32 18.34 -30.55 11.66
N LEU C 33 18.54 -31.28 10.56
CA LEU C 33 19.84 -31.29 9.89
C LEU C 33 20.12 -29.94 9.24
N ASP C 34 19.06 -29.31 8.74
CA ASP C 34 19.16 -28.00 8.11
C ASP C 34 19.62 -26.95 9.14
N SER C 35 19.05 -27.03 10.33
CA SER C 35 19.39 -26.10 11.40
C SER C 35 20.80 -26.36 11.93
N GLU C 36 21.20 -27.63 11.92
CA GLU C 36 22.54 -28.00 12.36
C GLU C 36 23.56 -27.75 11.25
N SER C 37 23.08 -27.22 10.13
CA SER C 37 23.91 -26.87 8.99
C SER C 37 24.62 -28.07 8.38
N ARG C 38 23.99 -29.23 8.46
CA ARG C 38 24.49 -30.42 7.79
C ARG C 38 23.75 -30.56 6.47
N TYR C 39 24.07 -29.67 5.54
CA TYR C 39 23.33 -29.51 4.29
C TYR C 39 23.36 -30.71 3.32
N PRO C 40 24.51 -31.36 3.14
CA PRO C 40 24.50 -32.55 2.27
C PRO C 40 23.56 -33.64 2.79
N GLN C 41 23.52 -33.83 4.10
CA GLN C 41 22.62 -34.82 4.70
C GLN C 41 21.19 -34.32 4.72
N ALA C 42 21.03 -33.02 4.97
CA ALA C 42 19.70 -32.41 5.03
C ALA C 42 18.99 -32.46 3.68
N LEU C 43 19.76 -32.33 2.61
CA LEU C 43 19.21 -32.30 1.27
C LEU C 43 18.59 -33.64 0.89
N VAL C 44 19.36 -34.70 1.02
CA VAL C 44 18.90 -36.05 0.72
C VAL C 44 17.69 -36.40 1.59
N CYS C 45 17.72 -35.96 2.83
CA CYS C 45 16.62 -36.17 3.75
C CYS C 45 15.36 -35.43 3.28
N TYR C 46 15.57 -34.25 2.70
CA TYR C 46 14.46 -33.48 2.14
C TYR C 46 13.83 -34.21 0.97
N GLN C 47 14.68 -34.75 0.10
CA GLN C 47 14.24 -35.45 -1.10
C GLN C 47 13.33 -36.63 -0.77
N GLU C 48 13.69 -37.39 0.27
CA GLU C 48 12.90 -38.54 0.69
C GLU C 48 11.62 -38.13 1.39
N GLY C 49 11.68 -37.00 2.10
CA GLY C 49 10.51 -36.45 2.75
C GLY C 49 9.51 -35.98 1.71
N ILE C 50 10.04 -35.42 0.62
CA ILE C 50 9.22 -34.97 -0.50
C ILE C 50 8.68 -36.17 -1.27
N ASP C 51 9.56 -37.15 -1.51
CA ASP C 51 9.22 -38.35 -2.26
C ASP C 51 8.04 -39.09 -1.64
N LEU C 52 8.05 -39.18 -0.31
CA LEU C 52 6.97 -39.83 0.42
C LEU C 52 5.69 -39.02 0.36
N LEU C 53 5.80 -37.71 0.57
CA LEU C 53 4.63 -36.83 0.51
C LEU C 53 4.06 -36.76 -0.91
N LEU C 54 4.89 -37.07 -1.90
CA LEU C 54 4.44 -37.07 -3.29
C LEU C 54 3.64 -38.33 -3.58
N GLN C 55 3.97 -39.41 -2.89
CA GLN C 55 3.25 -40.67 -3.04
C GLN C 55 1.94 -40.65 -2.26
N VAL C 56 1.90 -39.84 -1.21
CA VAL C 56 0.68 -39.64 -0.43
C VAL C 56 -0.28 -38.76 -1.23
N LEU C 57 0.28 -37.80 -1.96
CA LEU C 57 -0.50 -36.88 -2.77
C LEU C 57 -1.27 -37.60 -3.87
N LYS C 58 -0.65 -38.62 -4.44
CA LYS C 58 -1.28 -39.40 -5.52
C LYS C 58 -2.36 -40.33 -4.98
N GLY C 59 -2.44 -40.43 -3.66
CA GLY C 59 -3.42 -41.29 -3.02
C GLY C 59 -4.58 -40.53 -2.43
N THR C 60 -4.42 -39.22 -2.25
CA THR C 60 -5.47 -38.40 -1.68
C THR C 60 -6.50 -38.00 -2.74
N LYS C 61 -7.78 -38.12 -2.38
CA LYS C 61 -8.87 -37.81 -3.29
C LYS C 61 -9.55 -36.50 -2.87
N ASP C 62 -9.44 -36.18 -1.59
CA ASP C 62 -10.05 -34.97 -1.05
C ASP C 62 -9.45 -33.71 -1.67
N ASN C 63 -10.30 -32.88 -2.25
CA ASN C 63 -9.86 -31.67 -2.94
C ASN C 63 -9.15 -30.66 -2.05
N THR C 64 -9.53 -30.63 -0.77
CA THR C 64 -8.91 -29.72 0.19
C THR C 64 -7.54 -30.24 0.64
N LYS C 65 -7.48 -31.54 0.93
CA LYS C 65 -6.24 -32.17 1.33
C LYS C 65 -5.22 -32.17 0.18
N ARG C 66 -5.72 -32.33 -1.04
CA ARG C 66 -4.87 -32.30 -2.23
C ARG C 66 -4.17 -30.95 -2.37
N CYS C 67 -4.85 -29.89 -1.95
CA CYS C 67 -4.29 -28.54 -2.07
C CYS C 67 -3.39 -28.21 -0.87
N ASN C 68 -3.69 -28.81 0.27
CA ASN C 68 -2.87 -28.62 1.46
C ASN C 68 -1.50 -29.27 1.32
N LEU C 69 -1.45 -30.41 0.63
CA LEU C 69 -0.20 -31.14 0.44
C LEU C 69 0.74 -30.41 -0.51
N ARG C 70 0.18 -29.73 -1.51
CA ARG C 70 0.98 -28.96 -2.45
C ARG C 70 1.75 -27.86 -1.71
N GLU C 71 1.08 -27.26 -0.74
CA GLU C 71 1.69 -26.20 0.06
C GLU C 71 2.92 -26.70 0.79
N LYS C 72 2.79 -27.85 1.46
CA LYS C 72 3.92 -28.45 2.17
C LYS C 72 5.01 -28.89 1.19
N ILE C 73 4.60 -29.62 0.15
CA ILE C 73 5.55 -30.14 -0.83
C ILE C 73 6.32 -29.03 -1.53
N SER C 74 5.61 -28.04 -2.06
CA SER C 74 6.24 -26.95 -2.80
C SER C 74 7.10 -26.09 -1.89
N LYS C 75 6.79 -26.07 -0.60
CA LYS C 75 7.60 -25.35 0.38
C LYS C 75 8.93 -26.06 0.59
N TYR C 76 8.87 -27.35 0.87
CA TYR C 76 10.07 -28.16 1.06
C TYR C 76 10.86 -28.26 -0.24
N MET C 77 10.16 -28.23 -1.36
CA MET C 77 10.80 -28.30 -2.67
C MET C 77 11.66 -27.07 -2.90
N ASP C 78 11.15 -25.92 -2.48
CA ASP C 78 11.87 -24.66 -2.63
C ASP C 78 13.16 -24.68 -1.83
N ARG C 79 13.07 -25.12 -0.57
CA ARG C 79 14.25 -25.18 0.29
C ARG C 79 15.28 -26.18 -0.23
N ALA C 80 14.82 -27.34 -0.64
CA ALA C 80 15.71 -28.39 -1.14
C ALA C 80 16.44 -27.95 -2.40
N GLU C 81 15.70 -27.36 -3.34
CA GLU C 81 16.28 -26.89 -4.59
C GLU C 81 17.33 -25.80 -4.37
N ASN C 82 17.09 -24.96 -3.36
CA ASN C 82 18.03 -23.89 -3.02
C ASN C 82 19.34 -24.44 -2.48
N ILE C 83 19.23 -25.46 -1.62
CA ILE C 83 20.40 -26.09 -1.03
C ILE C 83 21.28 -26.70 -2.11
N LYS C 84 20.65 -27.33 -3.09
CA LYS C 84 21.38 -27.91 -4.21
C LYS C 84 22.13 -26.84 -5.01
N LYS C 85 21.44 -25.74 -5.28
CA LYS C 85 22.05 -24.63 -6.03
C LYS C 85 23.22 -24.02 -5.25
N TYR C 86 23.11 -24.01 -3.93
CA TYR C 86 24.15 -23.43 -3.08
C TYR C 86 25.38 -24.34 -3.02
N LEU C 87 25.16 -25.65 -2.95
CA LEU C 87 26.26 -26.60 -2.86
C LEU C 87 27.05 -26.66 -4.16
N ASP C 88 26.40 -26.32 -5.27
CA ASP C 88 27.06 -26.25 -6.56
C ASP C 88 27.75 -24.90 -6.71
N GLN C 89 27.23 -23.90 -6.01
CA GLN C 89 27.76 -22.54 -6.07
C GLN C 89 29.08 -22.39 -5.33
N GLU C 90 29.63 -23.49 -4.85
CA GLU C 90 30.92 -23.47 -4.17
C GLU C 90 32.07 -23.31 -5.16
N LYS C 91 31.72 -23.17 -6.44
CA LYS C 91 32.69 -22.89 -7.49
C LYS C 91 33.38 -21.55 -7.22
N GLU C 92 34.33 -21.55 -6.29
CA GLU C 92 35.09 -20.36 -5.90
C GLU C 92 34.23 -19.25 -5.26
N ASP C 93 32.92 -19.30 -5.49
CA ASP C 93 32.01 -18.25 -5.03
C ASP C 93 31.43 -18.51 -3.65
N GLY C 94 31.23 -19.78 -3.31
CA GLY C 94 30.54 -20.09 -2.08
C GLY C 94 31.05 -21.26 -1.25
N LYS C 95 30.41 -21.41 -0.10
CA LYS C 95 30.60 -22.51 0.85
C LYS C 95 29.60 -22.19 1.97
N TYR C 96 28.58 -23.03 2.12
CA TYR C 96 27.39 -22.67 2.91
C TYR C 96 27.61 -22.25 4.38
N HIS C 97 27.94 -23.19 5.26
CA HIS C 97 28.17 -22.92 6.69
C HIS C 97 26.90 -22.64 7.50
N LYS C 98 26.11 -21.63 7.15
CA LYS C 98 24.94 -21.28 7.96
C LYS C 98 23.89 -20.46 7.22
N GLN C 99 22.62 -20.77 7.47
CA GLN C 99 21.52 -19.92 7.07
C GLN C 99 20.72 -19.44 8.28
N ILE C 100 20.46 -18.13 8.34
CA ILE C 100 19.68 -17.56 9.43
C ILE C 100 18.28 -17.20 8.94
N LYS C 101 17.28 -17.73 9.62
CA LYS C 101 15.89 -17.55 9.19
C LYS C 101 15.16 -16.51 10.03
N ILE C 102 14.96 -15.32 9.46
CA ILE C 102 14.21 -14.26 10.14
C ILE C 102 12.71 -14.49 9.98
N GLU C 103 12.06 -14.90 11.06
CA GLU C 103 10.64 -15.18 11.03
C GLU C 103 9.80 -13.91 10.92
N GLU C 104 8.54 -14.08 10.56
CA GLU C 104 7.62 -12.94 10.40
C GLU C 104 7.44 -12.20 11.72
N ASN C 105 7.52 -10.88 11.66
CA ASN C 105 7.38 -10.02 12.83
C ASN C 105 8.36 -10.34 13.96
N ALA C 106 9.54 -10.85 13.59
CA ALA C 106 10.58 -11.14 14.58
C ALA C 106 11.40 -9.88 14.86
N THR C 107 12.19 -9.92 15.92
CA THR C 107 13.02 -8.77 16.29
C THR C 107 14.45 -9.18 16.59
N GLY C 108 15.29 -8.20 16.90
CA GLY C 108 16.68 -8.44 17.25
C GLY C 108 17.58 -8.60 16.04
N PHE C 109 17.14 -8.07 14.91
CA PHE C 109 17.91 -8.21 13.67
C PHE C 109 18.39 -6.89 13.10
N SER C 110 18.99 -6.06 13.94
CA SER C 110 19.65 -4.85 13.47
C SER C 110 20.86 -5.25 12.64
N TYR C 111 21.29 -4.38 11.74
CA TYR C 111 22.44 -4.67 10.90
C TYR C 111 23.68 -4.93 11.76
N GLU C 112 23.74 -4.29 12.91
CA GLU C 112 24.84 -4.50 13.85
C GLU C 112 24.84 -5.93 14.37
N SER C 113 23.66 -6.44 14.73
CA SER C 113 23.55 -7.79 15.28
C SER C 113 23.77 -8.86 14.22
N LEU C 114 23.26 -8.61 13.02
CA LEU C 114 23.31 -9.60 11.94
C LEU C 114 24.73 -9.80 11.40
N PHE C 115 25.48 -8.72 11.28
CA PHE C 115 26.83 -8.77 10.73
C PHE C 115 27.92 -8.69 11.79
N ARG C 116 27.52 -8.82 13.06
CA ARG C 116 28.46 -8.72 14.17
C ARG C 116 29.59 -9.74 14.09
N GLU C 117 29.23 -11.00 13.95
CA GLU C 117 30.19 -12.08 13.94
C GLU C 117 31.15 -12.02 12.75
N TYR C 118 30.61 -11.69 11.58
CA TYR C 118 31.40 -11.73 10.34
C TYR C 118 32.14 -10.43 10.08
N LEU C 119 32.32 -9.62 11.12
CA LEU C 119 32.99 -8.34 10.98
C LEU C 119 34.19 -8.23 11.90
N ASN C 120 35.37 -8.01 11.32
CA ASN C 120 36.59 -7.83 12.10
C ASN C 120 37.59 -6.90 11.41
N GLU C 121 38.75 -6.72 12.04
CA GLU C 121 39.76 -5.77 11.57
C GLU C 121 40.32 -6.10 10.18
N THR C 122 40.11 -7.32 9.72
CA THR C 122 40.65 -7.76 8.43
C THR C 122 39.81 -7.26 7.26
N VAL C 123 38.58 -6.83 7.55
CA VAL C 123 37.67 -6.35 6.51
C VAL C 123 38.01 -4.91 6.11
N THR C 124 38.44 -4.74 4.86
CA THR C 124 38.85 -3.43 4.38
C THR C 124 38.05 -2.97 3.15
N GLU C 125 37.34 -3.90 2.53
CA GLU C 125 36.56 -3.58 1.34
C GLU C 125 35.25 -4.37 1.29
N VAL C 126 34.16 -3.67 1.03
CA VAL C 126 32.83 -4.29 1.06
C VAL C 126 32.07 -4.13 -0.25
N TRP C 127 31.53 -5.24 -0.76
CA TRP C 127 30.68 -5.20 -1.94
C TRP C 127 29.22 -5.47 -1.54
N ILE C 128 28.32 -4.63 -2.04
CA ILE C 128 26.89 -4.80 -1.78
C ILE C 128 26.07 -4.70 -3.07
N GLU C 129 25.37 -5.78 -3.39
CA GLU C 129 24.48 -5.81 -4.54
C GLU C 129 23.03 -5.88 -4.07
N ASP C 130 22.38 -4.73 -3.96
CA ASP C 130 20.99 -4.67 -3.54
C ASP C 130 20.21 -3.85 -4.55
N PRO C 131 19.29 -4.50 -5.28
CA PRO C 131 18.51 -3.84 -6.33
C PRO C 131 17.52 -2.82 -5.79
N TYR C 132 17.25 -2.85 -4.48
CA TYR C 132 16.24 -1.98 -3.90
C TYR C 132 16.79 -0.96 -2.90
N ILE C 133 17.52 0.02 -3.43
CA ILE C 133 17.95 1.18 -2.64
C ILE C 133 17.47 2.43 -3.37
N ARG C 134 16.16 2.59 -3.47
CA ARG C 134 15.57 3.69 -4.22
C ARG C 134 14.89 4.70 -3.30
N HIS C 135 13.89 4.22 -2.56
CA HIS C 135 13.06 5.09 -1.72
C HIS C 135 13.82 5.63 -0.52
N THR C 136 13.19 6.54 0.21
CA THR C 136 13.83 7.24 1.32
C THR C 136 14.30 6.30 2.43
N HIS C 137 13.40 5.44 2.92
CA HIS C 137 13.73 4.55 4.03
C HIS C 137 14.82 3.56 3.65
N GLN C 138 14.87 3.20 2.36
CA GLN C 138 15.89 2.29 1.87
C GLN C 138 17.26 2.95 1.90
N LEU C 139 17.29 4.25 1.63
CA LEU C 139 18.54 5.01 1.68
C LEU C 139 19.05 5.08 3.12
N TYR C 140 18.14 5.26 4.06
CA TYR C 140 18.51 5.31 5.47
C TYR C 140 18.95 3.93 5.98
N ASN C 141 18.37 2.89 5.40
CA ASN C 141 18.81 1.53 5.69
C ASN C 141 20.28 1.37 5.31
N PHE C 142 20.61 1.81 4.11
CA PHE C 142 21.98 1.74 3.62
C PHE C 142 22.92 2.62 4.46
N LEU C 143 22.39 3.72 4.99
CA LEU C 143 23.18 4.62 5.82
C LEU C 143 23.56 3.94 7.12
N ARG C 144 22.57 3.36 7.80
CA ARG C 144 22.82 2.67 9.05
C ARG C 144 23.74 1.47 8.83
N PHE C 145 23.68 0.91 7.63
CA PHE C 145 24.58 -0.16 7.25
C PHE C 145 26.01 0.38 7.16
N CYS C 146 26.15 1.53 6.52
CA CYS C 146 27.44 2.18 6.39
C CYS C 146 28.02 2.58 7.74
N GLU C 147 27.14 2.94 8.66
CA GLU C 147 27.55 3.21 10.03
C GLU C 147 28.14 1.96 10.65
N MET C 148 29.36 1.63 10.21
CA MET C 148 30.07 0.45 10.65
C MET C 148 31.56 0.71 10.45
N LEU C 149 32.10 1.62 11.26
CA LEU C 149 33.49 2.00 11.16
C LEU C 149 34.22 1.78 12.48
N PRO C 153 35.33 -1.76 15.20
CA PRO C 153 36.74 -2.09 15.36
C PRO C 153 37.41 -2.34 14.02
N CYS C 154 36.61 -2.50 12.98
CA CYS C 154 37.12 -2.76 11.64
C CYS C 154 37.52 -1.46 10.95
N LYS C 155 38.25 -1.59 9.85
CA LYS C 155 38.69 -0.42 9.09
C LYS C 155 38.46 -0.60 7.59
N VAL C 156 37.33 -0.09 7.12
CA VAL C 156 36.95 -0.18 5.71
C VAL C 156 37.33 1.09 4.96
N LYS C 157 37.93 0.93 3.78
CA LYS C 157 38.36 2.07 2.99
C LYS C 157 37.51 2.27 1.74
N THR C 158 36.91 1.19 1.24
CA THR C 158 36.13 1.27 0.01
C THR C 158 34.85 0.43 0.07
N ILE C 159 33.74 1.02 -0.34
CA ILE C 159 32.45 0.33 -0.37
C ILE C 159 31.84 0.39 -1.77
N HIS C 160 31.55 -0.77 -2.34
CA HIS C 160 30.99 -0.84 -3.69
C HIS C 160 29.51 -1.19 -3.65
N LEU C 161 28.67 -0.28 -4.14
CA LEU C 161 27.23 -0.50 -4.18
C LEU C 161 26.73 -0.69 -5.60
N LEU C 162 25.92 -1.72 -5.81
CA LEU C 162 25.27 -1.94 -7.10
C LEU C 162 23.76 -2.06 -6.92
N THR C 163 23.04 -1.01 -7.29
CA THR C 163 21.59 -1.00 -7.16
C THR C 163 20.93 -0.84 -8.52
N SER C 164 19.61 -1.06 -8.57
CA SER C 164 18.87 -0.98 -9.83
C SER C 164 18.47 0.45 -10.14
N LEU C 165 18.12 0.70 -11.40
CA LEU C 165 17.71 2.04 -11.83
C LEU C 165 16.21 2.27 -11.70
N ASP C 166 15.85 3.43 -11.16
CA ASP C 166 14.45 3.79 -10.98
C ASP C 166 13.87 4.36 -12.27
N GLU C 170 11.66 10.97 -9.34
CA GLU C 170 11.75 9.96 -8.31
C GLU C 170 13.14 9.32 -8.30
N GLN C 171 13.76 9.26 -9.47
CA GLN C 171 15.13 8.76 -9.58
C GLN C 171 16.10 9.74 -8.95
N VAL C 172 15.75 11.03 -9.01
CA VAL C 172 16.58 12.09 -8.47
C VAL C 172 16.84 11.90 -6.97
N GLN C 173 15.81 11.47 -6.25
CA GLN C 173 15.95 11.20 -4.82
C GLN C 173 17.00 10.13 -4.57
N GLN C 174 16.98 9.09 -5.39
CA GLN C 174 17.95 8.01 -5.28
C GLN C 174 19.34 8.49 -5.68
N SER C 175 19.41 9.26 -6.76
CA SER C 175 20.68 9.75 -7.27
C SER C 175 21.34 10.75 -6.32
N ARG C 176 20.56 11.71 -5.85
CA ARG C 176 21.09 12.72 -4.92
C ARG C 176 21.25 12.15 -3.52
N GLY C 177 20.43 11.17 -3.17
CA GLY C 177 20.52 10.53 -1.87
C GLY C 177 21.83 9.82 -1.67
N LEU C 178 22.18 8.96 -2.62
CA LEU C 178 23.43 8.23 -2.59
C LEU C 178 24.62 9.18 -2.76
N GLN C 179 24.38 10.27 -3.48
CA GLN C 179 25.42 11.29 -3.68
C GLN C 179 25.80 11.94 -2.36
N GLU C 180 24.81 12.26 -1.54
CA GLU C 180 25.05 12.86 -0.24
C GLU C 180 25.72 11.87 0.72
N ILE C 181 25.32 10.60 0.63
CA ILE C 181 25.93 9.55 1.44
C ILE C 181 27.38 9.35 1.00
N GLU C 182 27.62 9.42 -0.31
CA GLU C 182 28.96 9.33 -0.86
C GLU C 182 29.85 10.44 -0.32
N GLU C 183 29.31 11.66 -0.30
CA GLU C 183 30.04 12.82 0.19
C GLU C 183 30.31 12.73 1.68
N SER C 184 29.32 12.21 2.43
CA SER C 184 29.46 12.10 3.87
C SER C 184 30.46 11.02 4.26
N LEU C 185 30.44 9.90 3.53
CA LEU C 185 31.41 8.85 3.74
C LEU C 185 32.80 9.31 3.36
N ARG C 186 32.87 10.18 2.35
CA ARG C 186 34.14 10.71 1.87
C ARG C 186 34.81 11.57 2.93
N SER C 187 34.01 12.12 3.84
CA SER C 187 34.53 12.97 4.90
C SER C 187 35.09 12.15 6.06
N HIS C 188 34.93 10.83 5.97
CA HIS C 188 35.49 9.92 6.98
C HIS C 188 36.58 9.04 6.38
N GLY C 189 37.02 9.39 5.17
CA GLY C 189 38.09 8.67 4.52
C GLY C 189 37.64 7.41 3.82
N VAL C 190 36.33 7.19 3.77
CA VAL C 190 35.78 6.02 3.12
C VAL C 190 35.25 6.37 1.73
N LEU C 191 35.80 5.72 0.72
CA LEU C 191 35.38 5.94 -0.66
C LEU C 191 34.18 5.07 -1.00
N LEU C 192 33.11 5.70 -1.50
CA LEU C 192 31.92 4.97 -1.90
C LEU C 192 31.76 4.95 -3.42
N GLU C 193 31.71 3.74 -3.98
CA GLU C 193 31.56 3.57 -5.42
C GLU C 193 30.18 3.02 -5.77
N VAL C 194 29.34 3.87 -6.34
CA VAL C 194 27.97 3.48 -6.66
C VAL C 194 27.77 3.31 -8.16
N GLN C 195 27.27 2.15 -8.55
CA GLN C 195 26.94 1.89 -9.95
C GLN C 195 25.51 1.39 -10.08
N TYR C 196 24.87 1.78 -11.18
CA TYR C 196 23.47 1.42 -11.40
C TYR C 196 23.32 0.44 -12.56
N SER C 197 22.37 -0.49 -12.42
CA SER C 197 22.08 -1.45 -13.48
C SER C 197 20.61 -1.84 -13.44
N SER C 198 19.90 -1.56 -14.53
CA SER C 198 18.46 -1.77 -14.58
C SER C 198 18.06 -3.25 -14.56
N SER C 199 19.00 -4.14 -14.86
CA SER C 199 18.70 -5.56 -14.96
C SER C 199 19.40 -6.42 -13.90
N ILE C 200 19.24 -6.04 -12.63
CA ILE C 200 19.77 -6.85 -11.54
C ILE C 200 18.65 -7.30 -10.62
N HIS C 201 18.83 -8.45 -9.98
CA HIS C 201 17.84 -9.01 -9.08
C HIS C 201 18.53 -9.70 -7.90
N ASP C 202 19.82 -9.98 -8.07
CA ASP C 202 20.58 -10.72 -7.07
C ASP C 202 20.95 -9.87 -5.86
N ARG C 203 20.57 -10.34 -4.68
CA ARG C 203 20.99 -9.72 -3.43
C ARG C 203 22.25 -10.41 -2.92
N GLU C 204 23.29 -9.63 -2.65
CA GLU C 204 24.57 -10.21 -2.25
C GLU C 204 25.47 -9.19 -1.55
N ILE C 205 26.03 -9.60 -0.41
CA ILE C 205 26.98 -8.77 0.32
C ILE C 205 28.31 -9.50 0.51
N ARG C 206 29.40 -8.86 0.10
CA ARG C 206 30.71 -9.49 0.14
C ARG C 206 31.70 -8.71 1.00
N PHE C 207 32.38 -9.41 1.90
CA PHE C 207 33.49 -8.83 2.65
C PHE C 207 34.80 -9.43 2.12
N ASN C 208 35.85 -8.62 2.08
CA ASN C 208 37.12 -9.07 1.52
C ASN C 208 37.93 -9.95 2.46
N ASN C 209 37.24 -10.66 3.35
CA ASN C 209 37.90 -11.64 4.22
C ASN C 209 37.36 -13.05 3.96
N GLY C 210 36.44 -13.16 3.01
CA GLY C 210 35.91 -14.45 2.61
C GLY C 210 34.41 -14.57 2.78
N TRP C 211 33.84 -13.80 3.70
CA TRP C 211 32.43 -13.92 4.03
C TRP C 211 31.50 -13.34 2.98
N MET C 212 30.30 -13.93 2.87
CA MET C 212 29.31 -13.49 1.90
C MET C 212 27.91 -13.73 2.45
N ILE C 213 27.04 -12.73 2.32
CA ILE C 213 25.70 -12.81 2.89
C ILE C 213 24.60 -12.51 1.86
N LYS C 214 23.71 -13.49 1.66
CA LYS C 214 22.56 -13.31 0.79
C LYS C 214 21.27 -13.19 1.59
N ILE C 215 20.67 -12.01 1.56
CA ILE C 215 19.39 -11.80 2.23
C ILE C 215 18.27 -11.75 1.19
N GLY C 216 17.15 -12.38 1.51
CA GLY C 216 16.03 -12.46 0.59
C GLY C 216 15.52 -11.11 0.13
N ARG C 217 15.09 -10.28 1.08
CA ARG C 217 14.57 -8.96 0.76
C ARG C 217 15.68 -7.92 0.65
N GLY C 218 16.93 -8.37 0.80
CA GLY C 218 18.05 -7.47 0.81
C GLY C 218 18.17 -6.78 2.16
N LEU C 219 18.42 -5.48 2.14
CA LEU C 219 18.50 -4.70 3.37
C LEU C 219 17.13 -4.19 3.79
N ASP C 220 16.13 -4.40 2.94
CA ASP C 220 14.79 -3.90 3.20
C ASP C 220 13.88 -4.99 3.77
N TYR C 221 14.27 -5.52 4.92
CA TYR C 221 13.45 -6.54 5.60
C TYR C 221 12.81 -5.98 6.86
N PHE C 222 12.76 -4.65 6.94
CA PHE C 222 12.17 -3.98 8.11
C PHE C 222 10.77 -3.47 7.81
N LYS C 223 9.93 -3.46 8.84
CA LYS C 223 8.57 -2.97 8.71
C LYS C 223 8.48 -1.57 9.31
N LYS C 224 7.58 -0.76 8.78
CA LYS C 224 7.38 0.59 9.30
C LYS C 224 6.87 0.53 10.75
N PRO C 225 7.34 1.44 11.60
CA PRO C 225 7.01 1.44 13.03
C PRO C 225 5.51 1.67 13.27
N GLN C 226 5.02 1.25 14.44
CA GLN C 226 3.61 1.39 14.78
C GLN C 226 3.21 2.85 14.87
N SER C 227 3.97 3.63 15.63
CA SER C 227 3.68 5.06 15.80
C SER C 227 4.96 5.89 15.75
N ARG C 228 4.80 7.21 15.86
CA ARG C 228 5.91 8.14 15.77
C ARG C 228 6.91 7.94 16.91
N PHE C 229 6.39 7.62 18.08
CA PHE C 229 7.23 7.37 19.25
C PHE C 229 7.13 5.92 19.70
N SER C 230 7.04 5.01 18.72
CA SER C 230 7.00 3.58 19.02
C SER C 230 8.37 3.10 19.45
N LEU C 231 8.39 1.98 20.19
CA LEU C 231 9.63 1.40 20.65
C LEU C 231 10.29 0.60 19.53
N GLY C 232 11.44 1.07 19.07
CA GLY C 232 12.12 0.45 17.95
C GLY C 232 12.11 1.37 16.75
N TYR C 233 12.14 2.68 17.03
CA TYR C 233 12.13 3.69 15.97
C TYR C 233 13.56 4.05 15.60
N CYS C 234 14.46 3.91 16.55
CA CYS C 234 15.88 4.18 16.31
C CYS C 234 16.70 2.88 16.41
N ASP C 235 16.50 2.16 17.50
CA ASP C 235 17.16 0.86 17.68
C ASP C 235 16.38 -0.21 16.94
N PHE C 236 16.93 -0.68 15.82
CA PHE C 236 16.23 -1.64 14.97
C PHE C 236 16.24 -3.07 15.51
N ASP C 237 16.85 -3.25 16.68
CA ASP C 237 16.79 -4.54 17.37
C ASP C 237 15.40 -4.79 17.93
N LEU C 238 14.62 -3.71 18.03
CA LEU C 238 13.26 -3.79 18.56
C LEU C 238 12.23 -3.62 17.45
N ARG C 239 12.71 -3.45 16.21
CA ARG C 239 11.84 -3.29 15.06
C ARG C 239 11.41 -4.64 14.50
N PRO C 240 10.11 -4.83 14.30
CA PRO C 240 9.55 -6.03 13.67
C PRO C 240 10.04 -6.19 12.23
N CYS C 241 10.31 -7.42 11.82
CA CYS C 241 10.87 -7.67 10.49
C CYS C 241 9.92 -8.47 9.61
N HIS C 242 10.02 -8.25 8.30
CA HIS C 242 9.29 -9.07 7.34
C HIS C 242 9.93 -10.44 7.28
N GLU C 243 9.17 -11.45 6.88
CA GLU C 243 9.69 -12.80 6.76
C GLU C 243 10.70 -12.88 5.62
N THR C 244 11.93 -13.27 5.95
CA THR C 244 12.98 -13.39 4.95
C THR C 244 14.05 -14.39 5.40
N THR C 245 15.01 -14.66 4.51
CA THR C 245 16.06 -15.63 4.79
C THR C 245 17.44 -15.01 4.62
N VAL C 246 18.36 -15.40 5.50
CA VAL C 246 19.74 -14.91 5.43
C VAL C 246 20.72 -16.07 5.26
N ASP C 247 21.37 -16.13 4.10
CA ASP C 247 22.29 -17.21 3.79
C ASP C 247 23.74 -16.75 3.82
N ILE C 248 24.52 -17.32 4.75
CA ILE C 248 25.92 -16.94 4.92
C ILE C 248 26.80 -17.83 4.04
N PHE C 249 27.92 -17.28 3.55
CA PHE C 249 28.86 -18.06 2.75
C PHE C 249 30.31 -17.66 3.07
N HIS C 250 31.25 -18.53 2.74
CA HIS C 250 32.67 -18.26 2.98
C HIS C 250 33.54 -18.84 1.87
N LYS C 251 34.77 -18.34 1.76
CA LYS C 251 35.73 -18.93 0.82
C LYS C 251 37.18 -18.65 1.21
N LYS C 252 37.75 -17.57 0.67
CA LYS C 252 39.15 -17.21 0.92
C LYS C 252 40.12 -18.34 0.58
N PRO D 18 -30.75 16.73 27.15
CA PRO D 18 -31.76 17.73 27.49
C PRO D 18 -31.62 18.99 26.64
N GLN D 19 -30.46 19.62 26.71
CA GLN D 19 -30.18 20.80 25.90
C GLN D 19 -29.49 20.39 24.61
N SER D 20 -28.67 19.35 24.68
CA SER D 20 -27.96 18.84 23.51
C SER D 20 -28.90 18.10 22.57
N THR D 21 -30.07 17.72 23.07
CA THR D 21 -31.07 17.04 22.25
C THR D 21 -31.62 18.00 21.19
N ALA D 22 -31.69 19.28 21.53
CA ALA D 22 -32.14 20.30 20.60
C ALA D 22 -31.11 20.54 19.51
N ALA D 23 -29.83 20.29 19.85
CA ALA D 23 -28.75 20.44 18.89
C ALA D 23 -28.81 19.36 17.82
N ALA D 24 -29.42 18.23 18.17
CA ALA D 24 -29.56 17.11 17.24
C ALA D 24 -30.63 17.39 16.19
N THR D 25 -31.72 18.02 16.60
CA THR D 25 -32.82 18.33 15.70
C THR D 25 -32.42 19.38 14.67
N VAL D 26 -31.65 20.37 15.11
CA VAL D 26 -31.20 21.45 14.23
C VAL D 26 -30.26 20.92 13.15
N LEU D 27 -29.29 20.11 13.58
CA LEU D 27 -28.33 19.52 12.65
C LEU D 27 -29.00 18.57 11.67
N LYS D 28 -30.06 17.91 12.12
CA LYS D 28 -30.82 17.01 11.26
C LYS D 28 -31.50 17.80 10.15
N ARG D 29 -32.08 18.95 10.52
CA ARG D 29 -32.71 19.83 9.56
C ARG D 29 -31.67 20.40 8.61
N ALA D 30 -30.48 20.67 9.13
CA ALA D 30 -29.38 21.17 8.33
C ALA D 30 -29.00 20.18 7.25
N VAL D 31 -28.98 18.89 7.61
CA VAL D 31 -28.66 17.83 6.66
C VAL D 31 -29.77 17.69 5.61
N GLU D 32 -31.02 17.78 6.05
CA GLU D 32 -32.16 17.69 5.15
C GLU D 32 -32.11 18.80 4.10
N LEU D 33 -31.86 20.03 4.55
CA LEU D 33 -31.77 21.17 3.65
C LEU D 33 -30.57 21.01 2.70
N ASP D 34 -29.51 20.42 3.21
CA ASP D 34 -28.30 20.19 2.42
C ASP D 34 -28.60 19.25 1.25
N SER D 35 -29.32 18.17 1.53
CA SER D 35 -29.68 17.21 0.52
C SER D 35 -30.72 17.76 -0.45
N GLU D 36 -31.57 18.66 0.05
CA GLU D 36 -32.59 19.30 -0.78
C GLU D 36 -32.00 20.48 -1.54
N SER D 37 -30.68 20.64 -1.46
CA SER D 37 -29.96 21.70 -2.16
C SER D 37 -30.39 23.11 -1.75
N ARG D 38 -30.91 23.24 -0.54
CA ARG D 38 -31.21 24.56 0.01
C ARG D 38 -30.01 25.05 0.80
N TYR D 39 -28.93 25.36 0.09
CA TYR D 39 -27.65 25.68 0.70
C TYR D 39 -27.60 26.93 1.59
N PRO D 40 -28.24 28.05 1.17
CA PRO D 40 -28.24 29.20 2.07
C PRO D 40 -28.89 28.92 3.43
N GLN D 41 -29.99 28.17 3.43
CA GLN D 41 -30.67 27.83 4.67
C GLN D 41 -29.93 26.75 5.44
N ALA D 42 -29.37 25.78 4.70
CA ALA D 42 -28.65 24.66 5.32
C ALA D 42 -27.43 25.16 6.10
N LEU D 43 -26.78 26.18 5.56
CA LEU D 43 -25.58 26.74 6.18
C LEU D 43 -25.89 27.34 7.54
N VAL D 44 -26.97 28.11 7.61
CA VAL D 44 -27.36 28.78 8.85
C VAL D 44 -27.70 27.76 9.94
N CYS D 45 -28.38 26.69 9.55
CA CYS D 45 -28.72 25.62 10.48
C CYS D 45 -27.46 24.90 10.97
N TYR D 46 -26.48 24.74 10.08
CA TYR D 46 -25.21 24.14 10.45
C TYR D 46 -24.52 24.97 11.53
N GLN D 47 -24.52 26.29 11.32
CA GLN D 47 -23.88 27.22 12.25
C GLN D 47 -24.52 27.16 13.63
N GLU D 48 -25.85 27.06 13.67
CA GLU D 48 -26.57 26.96 14.94
C GLU D 48 -26.39 25.59 15.59
N GLY D 49 -26.40 24.55 14.76
CA GLY D 49 -26.16 23.21 15.24
C GLY D 49 -24.76 23.07 15.82
N ILE D 50 -23.79 23.69 15.15
CA ILE D 50 -22.42 23.69 15.61
C ILE D 50 -22.28 24.48 16.91
N ASP D 51 -22.88 25.66 16.94
CA ASP D 51 -22.81 26.54 18.10
C ASP D 51 -23.38 25.87 19.35
N LEU D 52 -24.45 25.10 19.17
CA LEU D 52 -25.06 24.39 20.27
C LEU D 52 -24.15 23.26 20.78
N LEU D 53 -23.38 22.69 19.87
CA LEU D 53 -22.45 21.62 20.24
C LEU D 53 -21.26 22.18 21.03
N LEU D 54 -20.90 23.43 20.77
CA LEU D 54 -19.82 24.09 21.50
C LEU D 54 -20.25 24.35 22.94
N GLN D 55 -21.51 24.73 23.12
CA GLN D 55 -22.05 24.98 24.45
C GLN D 55 -22.22 23.69 25.25
N VAL D 56 -22.12 22.56 24.54
CA VAL D 56 -22.12 21.25 25.18
C VAL D 56 -20.69 20.79 25.41
N LEU D 57 -19.84 21.01 24.40
CA LEU D 57 -18.43 20.63 24.46
C LEU D 57 -17.70 21.35 25.59
N LYS D 58 -17.97 22.64 25.73
CA LYS D 58 -17.36 23.45 26.78
C LYS D 58 -18.00 23.17 28.13
N GLY D 59 -19.01 22.31 28.14
CA GLY D 59 -19.70 21.95 29.37
C GLY D 59 -19.34 20.55 29.84
N THR D 60 -19.08 19.65 28.91
CA THR D 60 -18.73 18.27 29.25
C THR D 60 -17.35 18.19 29.89
N LYS D 61 -17.25 17.37 30.93
CA LYS D 61 -16.00 17.21 31.68
C LYS D 61 -15.29 15.92 31.31
N ASP D 62 -16.09 14.90 30.97
CA ASP D 62 -15.54 13.60 30.58
C ASP D 62 -14.61 13.74 29.38
N ASN D 63 -13.53 12.96 29.36
CA ASN D 63 -12.53 13.07 28.31
C ASN D 63 -12.82 12.22 27.08
N THR D 64 -13.53 11.11 27.29
CA THR D 64 -13.88 10.22 26.18
C THR D 64 -14.98 10.83 25.32
N LYS D 65 -15.97 11.42 25.97
CA LYS D 65 -17.08 12.06 25.26
C LYS D 65 -16.64 13.38 24.63
N ARG D 66 -15.66 14.03 25.26
CA ARG D 66 -15.17 15.32 24.78
C ARG D 66 -14.44 15.16 23.43
N CYS D 67 -13.88 13.97 23.22
CA CYS D 67 -13.18 13.68 21.97
C CYS D 67 -14.16 13.22 20.89
N ASN D 68 -15.30 12.70 21.33
CA ASN D 68 -16.35 12.29 20.41
C ASN D 68 -17.01 13.50 19.75
N LEU D 69 -17.12 14.58 20.51
CA LEU D 69 -17.75 15.80 20.02
C LEU D 69 -16.86 16.55 19.04
N ARG D 70 -15.54 16.47 19.24
CA ARG D 70 -14.60 17.12 18.34
C ARG D 70 -14.76 16.56 16.93
N GLU D 71 -14.88 15.24 16.84
CA GLU D 71 -15.08 14.57 15.56
C GLU D 71 -16.39 15.04 14.93
N LYS D 72 -17.44 15.09 15.75
CA LYS D 72 -18.77 15.47 15.28
C LYS D 72 -18.79 16.93 14.83
N ILE D 73 -18.17 17.80 15.62
CA ILE D 73 -18.14 19.23 15.31
C ILE D 73 -17.27 19.53 14.09
N SER D 74 -16.04 19.02 14.10
CA SER D 74 -15.09 19.29 13.02
C SER D 74 -15.57 18.72 11.68
N LYS D 75 -16.38 17.67 11.75
CA LYS D 75 -16.94 17.07 10.55
C LYS D 75 -18.02 17.99 9.96
N TYR D 76 -18.88 18.50 10.83
CA TYR D 76 -19.92 19.43 10.43
C TYR D 76 -19.32 20.76 9.99
N MET D 77 -18.28 21.20 10.71
CA MET D 77 -17.62 22.46 10.42
C MET D 77 -17.00 22.46 9.03
N ASP D 78 -16.42 21.33 8.64
CA ASP D 78 -15.83 21.19 7.33
C ASP D 78 -16.88 21.40 6.25
N ARG D 79 -18.04 20.77 6.43
CA ARG D 79 -19.14 20.89 5.48
C ARG D 79 -19.66 22.33 5.42
N ALA D 80 -19.89 22.92 6.59
CA ALA D 80 -20.41 24.28 6.67
C ALA D 80 -19.47 25.27 6.00
N GLU D 81 -18.19 25.19 6.32
CA GLU D 81 -17.19 26.08 5.75
C GLU D 81 -17.08 25.93 4.24
N ASN D 82 -17.24 24.71 3.75
CA ASN D 82 -17.19 24.45 2.31
C ASN D 82 -18.36 25.08 1.57
N ILE D 83 -19.55 25.00 2.16
CA ILE D 83 -20.75 25.58 1.56
C ILE D 83 -20.59 27.09 1.41
N LYS D 84 -20.00 27.72 2.42
CA LYS D 84 -19.76 29.15 2.39
C LYS D 84 -18.78 29.51 1.28
N LYS D 85 -17.75 28.69 1.12
CA LYS D 85 -16.77 28.88 0.06
C LYS D 85 -17.42 28.89 -1.31
N TYR D 86 -18.34 27.96 -1.53
CA TYR D 86 -19.01 27.81 -2.80
C TYR D 86 -20.00 28.94 -3.07
N LEU D 87 -20.70 29.38 -2.04
CA LEU D 87 -21.65 30.48 -2.18
C LEU D 87 -20.94 31.80 -2.47
N ASP D 88 -19.70 31.90 -2.00
CA ASP D 88 -18.89 33.07 -2.29
C ASP D 88 -18.24 32.89 -3.64
N GLN D 89 -18.21 31.64 -4.09
CA GLN D 89 -17.56 31.31 -5.33
C GLN D 89 -18.43 31.54 -6.55
N GLU D 90 -19.62 32.09 -6.36
CA GLU D 90 -20.51 32.31 -7.50
C GLU D 90 -20.06 33.50 -8.35
N LYS D 91 -18.90 34.06 -8.03
CA LYS D 91 -18.31 35.12 -8.84
C LYS D 91 -18.00 34.61 -10.24
N GLU D 92 -19.04 34.54 -11.08
CA GLU D 92 -18.93 34.10 -12.48
C GLU D 92 -18.49 32.63 -12.64
N ASP D 93 -17.86 32.08 -11.60
CA ASP D 93 -17.29 30.75 -11.65
C ASP D 93 -18.28 29.65 -11.25
N GLY D 94 -19.16 29.94 -10.31
CA GLY D 94 -20.01 28.90 -9.77
C GLY D 94 -21.47 29.22 -9.47
N LYS D 95 -22.16 28.17 -9.04
CA LYS D 95 -23.56 28.22 -8.62
C LYS D 95 -23.85 26.86 -8.01
N TYR D 96 -23.71 26.76 -6.70
CA TYR D 96 -23.84 25.48 -6.02
C TYR D 96 -25.20 24.85 -6.28
N HIS D 97 -25.26 24.04 -7.33
CA HIS D 97 -26.50 23.43 -7.79
C HIS D 97 -26.83 22.15 -7.05
N LYS D 98 -25.84 21.28 -6.88
CA LYS D 98 -26.06 19.98 -6.29
C LYS D 98 -24.77 19.33 -5.80
N GLN D 99 -24.86 18.59 -4.71
CA GLN D 99 -23.73 17.78 -4.25
C GLN D 99 -24.17 16.35 -4.02
N ILE D 100 -23.49 15.42 -4.67
CA ILE D 100 -23.81 14.01 -4.52
C ILE D 100 -22.68 13.26 -3.83
N LYS D 101 -22.98 12.68 -2.67
CA LYS D 101 -21.99 11.98 -1.86
C LYS D 101 -21.82 10.53 -2.29
N ILE D 102 -20.59 10.14 -2.58
CA ILE D 102 -20.28 8.76 -2.89
C ILE D 102 -19.78 8.07 -1.62
N GLU D 103 -20.64 7.28 -0.99
CA GLU D 103 -20.30 6.60 0.25
C GLU D 103 -19.22 5.55 0.04
N GLU D 104 -18.56 5.19 1.13
CA GLU D 104 -17.51 4.18 1.10
C GLU D 104 -18.06 2.85 0.58
N ASN D 105 -17.36 2.27 -0.38
CA ASN D 105 -17.78 1.01 -0.99
C ASN D 105 -19.17 1.04 -1.62
N ALA D 106 -19.50 2.17 -2.24
CA ALA D 106 -20.77 2.30 -2.95
C ALA D 106 -20.59 1.93 -4.42
N THR D 107 -21.71 1.80 -5.13
CA THR D 107 -21.66 1.42 -6.55
C THR D 107 -22.58 2.30 -7.39
N GLY D 108 -22.59 2.04 -8.70
CA GLY D 108 -23.45 2.77 -9.62
C GLY D 108 -22.89 4.12 -10.02
N PHE D 109 -21.59 4.30 -9.82
CA PHE D 109 -20.95 5.59 -10.12
C PHE D 109 -19.95 5.51 -11.27
N SER D 110 -20.37 4.92 -12.38
CA SER D 110 -19.56 4.94 -13.59
C SER D 110 -19.51 6.36 -14.12
N TYR D 111 -18.49 6.67 -14.91
CA TYR D 111 -18.33 8.01 -15.48
C TYR D 111 -19.53 8.39 -16.35
N GLU D 112 -20.19 7.38 -16.91
CA GLU D 112 -21.38 7.63 -17.71
C GLU D 112 -22.55 8.01 -16.82
N SER D 113 -22.73 7.27 -15.74
CA SER D 113 -23.85 7.50 -14.82
C SER D 113 -23.73 8.82 -14.08
N LEU D 114 -22.50 9.27 -13.88
CA LEU D 114 -22.25 10.47 -13.09
C LEU D 114 -22.47 11.74 -13.91
N PHE D 115 -21.99 11.74 -15.15
CA PHE D 115 -22.11 12.91 -16.02
C PHE D 115 -23.23 12.71 -17.06
N ARG D 116 -24.17 11.84 -16.76
CA ARG D 116 -25.24 11.52 -17.69
C ARG D 116 -26.10 12.73 -18.01
N GLU D 117 -26.58 13.40 -16.96
CA GLU D 117 -27.48 14.53 -17.12
C GLU D 117 -26.81 15.75 -17.76
N TYR D 118 -25.61 16.07 -17.28
CA TYR D 118 -24.93 17.31 -17.66
C TYR D 118 -24.24 17.22 -19.02
N LEU D 119 -24.56 16.20 -19.80
CA LEU D 119 -23.95 15.99 -21.09
C LEU D 119 -24.97 15.97 -22.21
N ASN D 120 -24.77 16.82 -23.21
CA ASN D 120 -25.67 16.89 -24.36
C ASN D 120 -24.98 17.40 -25.62
N GLU D 121 -25.79 17.65 -26.65
CA GLU D 121 -25.26 18.06 -27.96
C GLU D 121 -24.60 19.43 -27.96
N THR D 122 -24.88 20.24 -26.94
CA THR D 122 -24.34 21.59 -26.86
C THR D 122 -22.90 21.58 -26.38
N VAL D 123 -22.48 20.49 -25.76
CA VAL D 123 -21.12 20.35 -25.25
C VAL D 123 -20.14 20.12 -26.39
N THR D 124 -19.25 21.08 -26.61
CA THR D 124 -18.26 20.96 -27.69
C THR D 124 -16.83 21.15 -27.20
N GLU D 125 -16.68 21.44 -25.92
CA GLU D 125 -15.35 21.65 -25.34
C GLU D 125 -15.31 21.34 -23.86
N VAL D 126 -14.40 20.45 -23.47
CA VAL D 126 -14.31 19.99 -22.09
C VAL D 126 -12.98 20.35 -21.44
N TRP D 127 -13.05 20.96 -20.26
CA TRP D 127 -11.86 21.24 -19.48
C TRP D 127 -11.78 20.33 -18.27
N ILE D 128 -10.61 19.73 -18.05
CA ILE D 128 -10.39 18.85 -16.91
C ILE D 128 -9.07 19.17 -16.19
N GLU D 129 -9.18 19.48 -14.90
CA GLU D 129 -8.02 19.68 -14.04
C GLU D 129 -7.97 18.58 -12.99
N ASP D 130 -7.04 17.64 -13.16
CA ASP D 130 -6.89 16.55 -12.21
C ASP D 130 -5.40 16.28 -12.02
N PRO D 131 -4.88 16.57 -10.83
CA PRO D 131 -3.45 16.41 -10.53
C PRO D 131 -3.01 14.94 -10.50
N TYR D 132 -3.96 14.02 -10.51
CA TYR D 132 -3.63 12.60 -10.38
C TYR D 132 -3.98 11.77 -11.62
N ILE D 133 -3.27 12.03 -12.71
CA ILE D 133 -3.33 11.21 -13.91
C ILE D 133 -1.92 10.76 -14.25
N ARG D 134 -1.35 9.90 -13.41
CA ARG D 134 0.02 9.44 -13.59
C ARG D 134 0.10 7.94 -13.78
N HIS D 135 -0.33 7.19 -12.77
CA HIS D 135 -0.24 5.74 -12.78
C HIS D 135 -1.14 5.12 -13.86
N THR D 136 -0.89 3.85 -14.16
CA THR D 136 -1.57 3.16 -15.26
C THR D 136 -3.10 3.19 -15.14
N HIS D 137 -3.62 2.83 -13.97
CA HIS D 137 -5.06 2.77 -13.78
C HIS D 137 -5.70 4.15 -13.91
N GLN D 138 -4.95 5.19 -13.55
CA GLN D 138 -5.43 6.55 -13.65
C GLN D 138 -5.54 6.98 -15.12
N LEU D 139 -4.62 6.50 -15.94
CA LEU D 139 -4.65 6.76 -17.38
C LEU D 139 -5.89 6.14 -17.99
N TYR D 140 -6.20 4.91 -17.60
CA TYR D 140 -7.38 4.23 -18.10
C TYR D 140 -8.67 4.88 -17.61
N ASN D 141 -8.62 5.41 -16.38
CA ASN D 141 -9.75 6.16 -15.85
C ASN D 141 -10.04 7.36 -16.73
N PHE D 142 -8.98 8.09 -17.09
CA PHE D 142 -9.09 9.23 -17.99
C PHE D 142 -9.55 8.78 -19.37
N LEU D 143 -9.12 7.59 -19.78
CA LEU D 143 -9.47 7.07 -21.09
C LEU D 143 -10.95 6.79 -21.21
N ARG D 144 -11.52 6.12 -20.21
CA ARG D 144 -12.95 5.82 -20.20
C ARG D 144 -13.77 7.09 -20.12
N PHE D 145 -13.18 8.12 -19.51
CA PHE D 145 -13.83 9.42 -19.42
C PHE D 145 -13.94 10.03 -20.81
N CYS D 146 -12.93 9.82 -21.64
CA CYS D 146 -12.94 10.31 -23.00
C CYS D 146 -13.89 9.51 -23.87
N GLU D 147 -14.02 8.22 -23.57
CA GLU D 147 -14.84 7.31 -24.37
C GLU D 147 -16.30 7.73 -24.39
N MET D 148 -16.88 7.99 -23.23
CA MET D 148 -18.29 8.35 -23.16
C MET D 148 -18.53 9.79 -23.63
N LEU D 149 -17.43 10.55 -23.76
CA LEU D 149 -17.52 11.93 -24.24
C LEU D 149 -17.66 12.03 -25.76
N ILE D 150 -17.80 10.89 -26.43
CA ILE D 150 -17.92 10.90 -27.89
C ILE D 150 -19.12 10.11 -28.40
N LYS D 151 -20.31 10.48 -27.92
CA LYS D 151 -21.58 9.94 -28.43
C LYS D 151 -22.77 10.67 -27.82
N CYS D 154 -24.04 13.64 -28.05
CA CYS D 154 -22.95 14.52 -27.66
C CYS D 154 -22.16 14.97 -28.89
N LYS D 155 -21.26 15.94 -28.70
CA LYS D 155 -20.55 16.54 -29.84
C LYS D 155 -19.27 17.25 -29.41
N VAL D 156 -18.39 16.54 -28.70
CA VAL D 156 -17.17 17.14 -28.17
C VAL D 156 -16.09 17.33 -29.24
N LYS D 157 -15.51 18.53 -29.28
CA LYS D 157 -14.46 18.85 -30.24
C LYS D 157 -13.07 18.82 -29.61
N THR D 158 -12.87 19.59 -28.55
CA THR D 158 -11.55 19.71 -27.93
C THR D 158 -11.58 19.41 -26.44
N ILE D 159 -10.59 18.67 -25.95
CA ILE D 159 -10.49 18.34 -24.54
C ILE D 159 -9.19 18.88 -23.93
N HIS D 160 -9.32 19.68 -22.88
CA HIS D 160 -8.16 20.30 -22.24
C HIS D 160 -7.84 19.66 -20.89
N LEU D 161 -6.69 18.99 -20.82
CA LEU D 161 -6.28 18.33 -19.58
C LEU D 161 -5.12 19.04 -18.90
N LEU D 162 -5.24 19.24 -17.60
CA LEU D 162 -4.16 19.79 -16.79
C LEU D 162 -3.90 18.88 -15.60
N THR D 163 -2.73 18.24 -15.60
CA THR D 163 -2.37 17.31 -14.54
C THR D 163 -1.01 17.66 -13.94
N SER D 164 -0.75 17.14 -12.75
CA SER D 164 0.51 17.41 -12.05
C SER D 164 1.64 16.58 -12.63
N LEU D 165 2.87 17.04 -12.43
CA LEU D 165 4.04 16.40 -13.03
C LEU D 165 4.72 15.38 -12.11
N ASP D 166 4.82 14.15 -12.59
CA ASP D 166 5.61 13.12 -11.92
C ASP D 166 7.01 13.19 -12.51
N GLU D 167 7.94 12.40 -11.98
CA GLU D 167 9.31 12.37 -12.47
C GLU D 167 9.95 11.00 -12.34
N GLU D 170 9.46 7.55 -14.24
CA GLU D 170 8.08 7.31 -13.79
C GLU D 170 7.11 8.23 -14.51
N GLN D 171 7.61 9.35 -15.02
CA GLN D 171 6.79 10.30 -15.76
C GLN D 171 6.70 9.88 -17.21
N VAL D 172 7.56 8.94 -17.61
CA VAL D 172 7.58 8.44 -18.99
C VAL D 172 6.28 7.71 -19.30
N GLN D 173 5.83 6.88 -18.36
CA GLN D 173 4.55 6.18 -18.51
C GLN D 173 3.40 7.18 -18.64
N GLN D 174 3.55 8.32 -17.98
CA GLN D 174 2.55 9.38 -18.04
C GLN D 174 2.68 10.19 -19.32
N SER D 175 3.91 10.60 -19.62
CA SER D 175 4.17 11.44 -20.79
C SER D 175 3.90 10.71 -22.11
N ARG D 176 4.11 9.39 -22.10
CA ARG D 176 3.86 8.59 -23.29
C ARG D 176 2.43 8.05 -23.30
N GLY D 177 1.91 7.77 -22.10
CA GLY D 177 0.56 7.27 -21.97
C GLY D 177 -0.46 8.25 -22.51
N LEU D 178 -0.40 9.49 -22.04
CA LEU D 178 -1.28 10.55 -22.52
C LEU D 178 -1.03 10.84 -23.99
N GLN D 179 0.23 10.67 -24.42
CA GLN D 179 0.60 10.88 -25.80
C GLN D 179 -0.14 9.92 -26.73
N GLU D 180 -0.25 8.67 -26.31
CA GLU D 180 -0.94 7.65 -27.09
C GLU D 180 -2.45 7.91 -27.11
N ILE D 181 -2.98 8.37 -25.98
CA ILE D 181 -4.40 8.70 -25.89
C ILE D 181 -4.71 9.91 -26.76
N GLU D 182 -3.78 10.85 -26.82
CA GLU D 182 -3.91 12.02 -27.69
C GLU D 182 -4.00 11.58 -29.15
N GLU D 183 -3.15 10.62 -29.52
CA GLU D 183 -3.12 10.10 -30.89
C GLU D 183 -4.39 9.33 -31.24
N SER D 184 -4.92 8.59 -30.27
CA SER D 184 -6.11 7.80 -30.50
C SER D 184 -7.36 8.69 -30.60
N LEU D 185 -7.40 9.75 -29.78
CA LEU D 185 -8.48 10.71 -29.85
C LEU D 185 -8.42 11.47 -31.17
N ARG D 186 -7.22 11.71 -31.66
CA ARG D 186 -7.01 12.39 -32.93
C ARG D 186 -7.53 11.54 -34.08
N SER D 187 -7.61 10.23 -33.84
CA SER D 187 -8.10 9.29 -34.85
C SER D 187 -9.62 9.39 -34.98
N HIS D 188 -10.25 10.09 -34.06
CA HIS D 188 -11.69 10.31 -34.11
C HIS D 188 -12.01 11.78 -34.32
N GLY D 189 -10.99 12.55 -34.68
CA GLY D 189 -11.15 13.97 -34.95
C GLY D 189 -11.27 14.81 -33.70
N VAL D 190 -10.99 14.21 -32.55
CA VAL D 190 -11.03 14.92 -31.29
C VAL D 190 -9.63 15.38 -30.87
N LEU D 191 -9.46 16.68 -30.70
CA LEU D 191 -8.16 17.24 -30.36
C LEU D 191 -7.95 17.29 -28.85
N LEU D 192 -6.85 16.70 -28.39
CA LEU D 192 -6.53 16.67 -26.97
C LEU D 192 -5.33 17.57 -26.65
N GLU D 193 -5.52 18.47 -25.68
CA GLU D 193 -4.46 19.39 -25.28
C GLU D 193 -4.07 19.14 -23.83
N VAL D 194 -2.88 18.58 -23.63
CA VAL D 194 -2.41 18.22 -22.30
C VAL D 194 -1.31 19.17 -21.82
N GLN D 195 -1.51 19.73 -20.64
CA GLN D 195 -0.50 20.59 -20.03
C GLN D 195 -0.17 20.12 -18.61
N TYR D 196 1.07 20.31 -18.19
CA TYR D 196 1.52 19.84 -16.89
C TYR D 196 1.88 21.00 -15.96
N SER D 197 1.58 20.82 -14.68
CA SER D 197 1.93 21.82 -13.67
C SER D 197 2.06 21.17 -12.31
N SER D 198 3.25 21.29 -11.71
CA SER D 198 3.54 20.64 -10.44
C SER D 198 2.82 21.29 -9.25
N SER D 199 2.30 22.49 -9.46
CA SER D 199 1.67 23.23 -8.37
C SER D 199 0.15 23.34 -8.54
N ILE D 200 -0.51 22.21 -8.75
CA ILE D 200 -1.97 22.19 -8.82
C ILE D 200 -2.55 21.24 -7.78
N HIS D 201 -3.78 21.51 -7.36
CA HIS D 201 -4.43 20.71 -6.33
C HIS D 201 -5.93 20.58 -6.60
N ASP D 202 -6.53 21.67 -7.07
CA ASP D 202 -7.96 21.73 -7.27
C ASP D 202 -8.45 20.85 -8.42
N ARG D 203 -9.32 19.90 -8.11
CA ARG D 203 -9.95 19.07 -9.12
C ARG D 203 -11.11 19.83 -9.75
N GLU D 204 -11.18 19.83 -11.07
CA GLU D 204 -12.17 20.65 -11.76
C GLU D 204 -12.54 20.10 -13.14
N ILE D 205 -13.85 19.95 -13.37
CA ILE D 205 -14.38 19.54 -14.66
C ILE D 205 -15.23 20.67 -15.21
N ARG D 206 -15.02 21.03 -16.47
CA ARG D 206 -15.80 22.12 -17.07
C ARG D 206 -16.32 21.78 -18.46
N PHE D 207 -17.62 21.96 -18.65
CA PHE D 207 -18.24 21.85 -19.97
C PHE D 207 -18.64 23.24 -20.44
N ASN D 208 -18.59 23.47 -21.74
CA ASN D 208 -18.89 24.80 -22.27
C ASN D 208 -20.38 25.15 -22.30
N ASN D 209 -21.20 24.29 -21.72
CA ASN D 209 -22.63 24.57 -21.60
C ASN D 209 -22.96 25.29 -20.30
N GLY D 210 -21.98 25.34 -19.40
CA GLY D 210 -22.14 26.01 -18.13
C GLY D 210 -21.86 25.12 -16.94
N TRP D 211 -22.08 23.81 -17.10
CA TRP D 211 -21.91 22.86 -16.02
C TRP D 211 -20.46 22.66 -15.61
N MET D 212 -20.22 22.59 -14.31
CA MET D 212 -18.90 22.31 -13.78
C MET D 212 -18.98 21.29 -12.64
N ILE D 213 -17.99 20.41 -12.55
CA ILE D 213 -18.00 19.34 -11.56
C ILE D 213 -16.70 19.24 -10.78
N LYS D 214 -16.79 19.37 -9.45
CA LYS D 214 -15.63 19.21 -8.59
C LYS D 214 -15.70 17.91 -7.80
N ILE D 215 -14.93 16.91 -8.21
CA ILE D 215 -14.85 15.65 -7.49
C ILE D 215 -13.70 15.69 -6.50
N GLY D 216 -13.93 15.15 -5.30
CA GLY D 216 -12.91 15.14 -4.25
C GLY D 216 -11.62 14.48 -4.68
N ARG D 217 -11.70 13.21 -5.07
CA ARG D 217 -10.53 12.46 -5.49
C ARG D 217 -10.23 12.67 -6.97
N GLY D 218 -11.20 13.21 -7.69
CA GLY D 218 -11.07 13.41 -9.13
C GLY D 218 -11.59 12.20 -9.89
N LEU D 219 -10.79 11.70 -10.82
CA LEU D 219 -11.17 10.53 -11.59
C LEU D 219 -10.53 9.27 -11.01
N ASP D 220 -10.23 9.31 -9.72
CA ASP D 220 -9.56 8.19 -9.06
C ASP D 220 -10.30 7.79 -7.79
N TYR D 221 -11.62 7.79 -7.85
CA TYR D 221 -12.44 7.41 -6.70
C TYR D 221 -12.80 5.93 -6.74
N PHE D 222 -12.14 5.18 -7.63
CA PHE D 222 -12.36 3.75 -7.72
C PHE D 222 -11.30 2.97 -6.97
N LYS D 223 -11.72 1.85 -6.36
CA LYS D 223 -10.79 0.96 -5.69
C LYS D 223 -10.57 -0.28 -6.55
N LYS D 224 -9.41 -0.91 -6.40
CA LYS D 224 -9.08 -2.10 -7.19
C LYS D 224 -10.05 -3.23 -6.91
N PRO D 225 -10.42 -3.98 -7.97
CA PRO D 225 -11.41 -5.06 -7.88
C PRO D 225 -10.94 -6.23 -7.02
N GLN D 226 -11.86 -7.15 -6.73
CA GLN D 226 -11.54 -8.31 -5.92
C GLN D 226 -10.62 -9.28 -6.65
N SER D 227 -11.20 -10.08 -7.55
CA SER D 227 -10.44 -11.07 -8.30
C SER D 227 -10.26 -10.65 -9.75
N ARG D 228 -9.59 -11.50 -10.52
CA ARG D 228 -9.34 -11.24 -11.94
C ARG D 228 -10.65 -11.17 -12.71
N PHE D 229 -11.62 -11.99 -12.31
CA PHE D 229 -12.91 -12.05 -13.00
C PHE D 229 -14.06 -11.69 -12.07
N SER D 230 -13.80 -10.84 -11.09
CA SER D 230 -14.85 -10.37 -10.19
C SER D 230 -15.77 -9.41 -10.94
N LEU D 231 -17.04 -9.37 -10.54
CA LEU D 231 -18.01 -8.46 -11.14
C LEU D 231 -17.63 -7.02 -10.91
N GLY D 232 -17.64 -6.22 -11.98
CA GLY D 232 -17.25 -4.82 -11.89
C GLY D 232 -15.80 -4.62 -12.29
N TYR D 233 -15.36 -5.39 -13.28
CA TYR D 233 -13.99 -5.30 -13.76
C TYR D 233 -13.93 -4.50 -15.05
N CYS D 234 -14.98 -4.61 -15.86
CA CYS D 234 -15.06 -3.88 -17.12
C CYS D 234 -16.12 -2.78 -17.05
N ASP D 235 -17.23 -3.06 -16.36
CA ASP D 235 -18.28 -2.08 -16.16
C ASP D 235 -18.21 -1.51 -14.74
N PHE D 236 -17.86 -0.23 -14.63
CA PHE D 236 -17.58 0.39 -13.35
C PHE D 236 -18.83 0.76 -12.54
N ASP D 237 -20.00 0.48 -13.10
CA ASP D 237 -21.25 0.67 -12.37
C ASP D 237 -21.31 -0.31 -11.20
N LEU D 238 -20.68 -1.47 -11.38
CA LEU D 238 -20.69 -2.51 -10.36
C LEU D 238 -19.40 -2.49 -9.54
N ARG D 239 -18.49 -1.58 -9.90
CA ARG D 239 -17.23 -1.44 -9.18
C ARG D 239 -17.42 -0.58 -7.94
N PRO D 240 -17.00 -1.09 -6.77
CA PRO D 240 -17.03 -0.34 -5.51
C PRO D 240 -16.16 0.91 -5.57
N CYS D 241 -16.50 1.93 -4.79
CA CYS D 241 -15.81 3.21 -4.85
C CYS D 241 -15.25 3.63 -3.49
N HIS D 242 -14.24 4.49 -3.52
CA HIS D 242 -13.75 5.12 -2.30
C HIS D 242 -14.73 6.21 -1.89
N GLU D 243 -14.67 6.60 -0.62
CA GLU D 243 -15.54 7.67 -0.12
C GLU D 243 -15.07 9.02 -0.62
N THR D 244 -15.90 9.68 -1.42
CA THR D 244 -15.56 10.99 -1.96
C THR D 244 -16.80 11.84 -2.20
N THR D 245 -16.59 13.11 -2.51
CA THR D 245 -17.69 14.05 -2.71
C THR D 245 -17.68 14.63 -4.11
N VAL D 246 -18.86 14.88 -4.67
CA VAL D 246 -18.99 15.46 -6.00
C VAL D 246 -19.88 16.70 -5.96
N ASP D 247 -19.34 17.83 -6.40
CA ASP D 247 -20.08 19.10 -6.36
C ASP D 247 -20.37 19.64 -7.75
N ILE D 248 -21.62 20.05 -7.97
CA ILE D 248 -22.07 20.50 -9.29
C ILE D 248 -22.36 21.99 -9.31
N PHE D 249 -21.95 22.66 -10.39
CA PHE D 249 -22.17 24.09 -10.52
C PHE D 249 -22.63 24.46 -11.93
N HIS D 250 -23.17 25.67 -12.08
CA HIS D 250 -23.61 26.16 -13.39
C HIS D 250 -23.12 27.59 -13.63
N LYS D 251 -22.93 27.94 -14.89
CA LYS D 251 -22.37 29.26 -15.24
C LYS D 251 -23.31 30.10 -16.09
N LYS D 252 -24.26 29.45 -16.75
CA LYS D 252 -25.22 30.12 -17.63
C LYS D 252 -24.53 30.81 -18.81
N MET E 1 0.66 -30.08 -10.34
CA MET E 1 0.39 -30.23 -8.93
C MET E 1 0.67 -31.66 -8.47
N GLU E 2 0.26 -32.62 -9.29
CA GLU E 2 0.50 -34.03 -9.00
C GLU E 2 1.51 -34.59 -9.99
N ASP E 3 1.85 -33.79 -10.99
CA ASP E 3 2.81 -34.18 -12.01
C ASP E 3 3.94 -33.15 -12.10
N GLN E 4 3.59 -31.89 -11.86
CA GLN E 4 4.57 -30.79 -11.88
C GLN E 4 5.60 -30.94 -10.78
N LEU E 5 5.15 -31.37 -9.61
CA LEU E 5 6.04 -31.52 -8.46
C LEU E 5 6.88 -32.78 -8.57
N SER E 6 6.45 -33.71 -9.41
CA SER E 6 7.20 -34.95 -9.64
C SER E 6 8.42 -34.67 -10.52
N ARG E 7 8.32 -33.66 -11.35
CA ARG E 7 9.42 -33.27 -12.23
C ARG E 7 10.50 -32.54 -11.46
N ARG E 8 10.09 -31.77 -10.45
CA ARG E 8 11.01 -31.02 -9.62
C ARG E 8 11.84 -31.95 -8.74
N LEU E 9 11.26 -33.09 -8.38
CA LEU E 9 11.95 -34.09 -7.58
C LEU E 9 12.99 -34.83 -8.40
N ALA E 10 12.78 -34.85 -9.72
CA ALA E 10 13.71 -35.50 -10.64
C ALA E 10 15.00 -34.70 -10.79
N ALA E 11 14.86 -33.39 -10.95
CA ALA E 11 16.01 -32.51 -11.10
C ALA E 11 16.69 -32.26 -9.75
N LEU E 12 16.04 -32.70 -8.69
CA LEU E 12 16.58 -32.55 -7.34
C LEU E 12 17.52 -33.70 -7.02
N ARG E 13 17.56 -34.69 -7.91
CA ARG E 13 18.38 -35.88 -7.70
C ARG E 13 19.42 -36.07 -8.79
N ASN E 14 20.13 -35.00 -9.13
CA ASN E 14 21.15 -35.06 -10.17
C ASN E 14 22.51 -34.54 -9.69
N MET F 1 -8.85 22.50 21.21
CA MET F 1 -10.06 21.95 20.62
C MET F 1 -11.21 22.94 20.72
N GLU F 2 -11.49 23.42 21.93
CA GLU F 2 -12.54 24.42 22.14
C GLU F 2 -12.07 25.78 21.64
N ASP F 3 -10.80 25.86 21.26
CA ASP F 3 -10.22 27.09 20.74
C ASP F 3 -10.09 27.00 19.22
N GLN F 4 -9.89 25.80 18.71
CA GLN F 4 -9.78 25.56 17.27
C GLN F 4 -11.15 25.62 16.60
N LEU F 5 -12.14 25.04 17.27
CA LEU F 5 -13.49 24.93 16.71
C LEU F 5 -14.27 26.23 16.82
N SER F 6 -14.16 26.89 17.96
CA SER F 6 -14.90 28.14 18.21
C SER F 6 -14.46 29.27 17.27
N ARG F 7 -13.21 29.21 16.82
CA ARG F 7 -12.69 30.19 15.89
C ARG F 7 -13.24 29.98 14.48
N ARG F 8 -13.47 28.71 14.13
CA ARG F 8 -14.01 28.36 12.82
C ARG F 8 -15.46 28.81 12.69
N LEU F 9 -16.14 28.92 13.83
CA LEU F 9 -17.52 29.38 13.86
C LEU F 9 -17.58 30.88 13.61
N ALA F 10 -16.48 31.56 13.90
CA ALA F 10 -16.38 33.00 13.66
C ALA F 10 -16.18 33.29 12.18
N ALA F 11 -15.54 32.35 11.48
CA ALA F 11 -15.28 32.50 10.05
C ALA F 11 -16.57 32.35 9.25
N LEU F 12 -17.52 31.61 9.80
CA LEU F 12 -18.81 31.40 9.15
C LEU F 12 -19.67 32.65 9.23
N ARG F 13 -19.75 33.23 10.42
CA ARG F 13 -20.60 34.40 10.66
C ARG F 13 -19.86 35.71 10.36
N ASN F 14 -18.74 35.61 9.66
CA ASN F 14 -17.93 36.77 9.32
C ASN F 14 -18.43 37.45 8.05
#